data_4RSV
# 
_entry.id   4RSV 
# 
_audit_conform.dict_name       mmcif_pdbx.dic 
_audit_conform.dict_version    5.379 
_audit_conform.dict_location   http://mmcif.pdb.org/dictionaries/ascii/mmcif_pdbx.dic 
# 
loop_
_database_2.database_id 
_database_2.database_code 
_database_2.pdbx_database_accession 
_database_2.pdbx_DOI 
RCSB  RCSB087753   ?            ?                   
PDB   4RSV         pdb_00004rsv 10.2210/pdb4rsv/pdb 
WWPDB D_1000087753 ?            ?                   
# 
loop_
_pdbx_database_related.db_name 
_pdbx_database_related.db_id 
_pdbx_database_related.details 
_pdbx_database_related.content_type 
PDB  2MWC  'NMR Structure of Human Obscurin Ig58 Domain' unspecified 
BMRB 25308 .                                             unspecified 
# 
_pdbx_database_status.status_code                     REL 
_pdbx_database_status.entry_id                        4RSV 
_pdbx_database_status.recvd_initial_deposition_date   2014-11-11 
_pdbx_database_status.deposit_site                    RCSB 
_pdbx_database_status.process_site                    RCSB 
_pdbx_database_status.status_code_sf                  REL 
_pdbx_database_status.status_code_mr                  ? 
_pdbx_database_status.SG_entry                        ? 
_pdbx_database_status.status_code_cs                  ? 
_pdbx_database_status.methods_development_category    ? 
_pdbx_database_status.pdb_format_compatible           Y 
_pdbx_database_status.status_code_nmr_data            ? 
# 
loop_
_audit_author.name 
_audit_author.pdbx_ordinal 
'Wright, N.T.'   1 
'Oehler, M.C.'   2 
'Berndsen, C.E.' 3 
'Du Pont, K.E.'  4 
# 
_citation.id                        primary 
_citation.title                     
'Arrhythmia and deregulated Ca2+ cycling underlie the development of hypertrophic cardiomyopathy due to mutant giant obscurin' 
_citation.journal_abbrev            'To be Published' 
_citation.journal_volume            ? 
_citation.page_first                ? 
_citation.page_last                 ? 
_citation.year                      ? 
_citation.journal_id_ASTM           ? 
_citation.country                   ? 
_citation.journal_id_ISSN           ? 
_citation.journal_id_CSD            0353 
_citation.book_publisher            ? 
_citation.pdbx_database_id_PubMed   ? 
_citation.pdbx_database_id_DOI      ? 
# 
loop_
_citation_author.citation_id 
_citation_author.name 
_citation_author.ordinal 
_citation_author.identifier_ORCID 
primary 'Hu, L.Y.R.'                       1  ? 
primary 'Ackermann, M.A.'                  2  ? 
primary 'Hecker, P.A.'                     3  ? 
primary 'Prosser, B.L.'                    4  ? 
primary 'King, B.'                         5  ? 
primary 
;O'Connell, K.A.
;
6  ? 
primary 'Asico, L.D.'                      7  ? 
primary 'Jose, P.A.'                       8  ? 
primary 'Wright, N.T.'                     9  ? 
primary 'Oehler, M.C.'                     10 ? 
primary 'Berndsen, C.E.'                   11 ? 
primary 'Du Pont, K.E.'                    12 ? 
primary 'Meyer, L.C.'                      13 ? 
primary 'Lederer, W.J.'                    14 ? 
primary 'Kontrogianni-Konstantopoulos, A.' 15 ? 
# 
_cell.entry_id           4RSV 
_cell.length_a           44.482 
_cell.length_b           44.482 
_cell.length_c           177.000 
_cell.angle_alpha        90.00 
_cell.angle_beta         90.00 
_cell.angle_gamma        120.00 
_cell.Z_PDB              12 
_cell.pdbx_unique_axis   ? 
_cell.length_a_esd       ? 
_cell.length_b_esd       ? 
_cell.length_c_esd       ? 
_cell.angle_alpha_esd    ? 
_cell.angle_beta_esd     ? 
_cell.angle_gamma_esd    ? 
# 
_symmetry.entry_id                         4RSV 
_symmetry.space_group_name_H-M             'P 61 2 2' 
_symmetry.pdbx_full_space_group_name_H-M   ? 
_symmetry.cell_setting                     ? 
_symmetry.Int_Tables_number                178 
_symmetry.space_group_name_Hall            ? 
# 
loop_
_entity.id 
_entity.type 
_entity.src_method 
_entity.pdbx_description 
_entity.formula_weight 
_entity.pdbx_number_of_molecules 
_entity.pdbx_ec 
_entity.pdbx_mutation 
_entity.pdbx_fragment 
_entity.details 
1 polymer man Obscurin 11423.818 1 2.7.11.1 ? 'UNP residues 4337-4429' ? 
2 water   nat water    18.015    1 ?        ? ?                        ? 
# 
_entity_name_com.entity_id   1 
_entity_name_com.name        'Obscurin-RhoGEF, Obscurin-myosin light chain kinase, Obscurin-MLCK' 
# 
_entity_poly.entity_id                      1 
_entity_poly.type                           'polypeptide(L)' 
_entity_poly.nstd_linkage                   no 
_entity_poly.nstd_monomer                   no 
_entity_poly.pdbx_seq_one_letter_code       
;TAKNTVVRGLENVEALEGGEALFECQLSQPEVAAHTWLLDDEPVRTSENAEVVFFENGLRHLLLLKNLRPQDSCRVTFLA
GDMVTSAFLTVRGGLEHHHHHH
;
_entity_poly.pdbx_seq_one_letter_code_can   
;TAKNTVVRGLENVEALEGGEALFECQLSQPEVAAHTWLLDDEPVRTSENAEVVFFENGLRHLLLLKNLRPQDSCRVTFLA
GDMVTSAFLTVRGGLEHHHHHH
;
_entity_poly.pdbx_strand_id                 A 
_entity_poly.pdbx_target_identifier         ? 
# 
loop_
_entity_poly_seq.entity_id 
_entity_poly_seq.num 
_entity_poly_seq.mon_id 
_entity_poly_seq.hetero 
1 1   THR n 
1 2   ALA n 
1 3   LYS n 
1 4   ASN n 
1 5   THR n 
1 6   VAL n 
1 7   VAL n 
1 8   ARG n 
1 9   GLY n 
1 10  LEU n 
1 11  GLU n 
1 12  ASN n 
1 13  VAL n 
1 14  GLU n 
1 15  ALA n 
1 16  LEU n 
1 17  GLU n 
1 18  GLY n 
1 19  GLY n 
1 20  GLU n 
1 21  ALA n 
1 22  LEU n 
1 23  PHE n 
1 24  GLU n 
1 25  CYS n 
1 26  GLN n 
1 27  LEU n 
1 28  SER n 
1 29  GLN n 
1 30  PRO n 
1 31  GLU n 
1 32  VAL n 
1 33  ALA n 
1 34  ALA n 
1 35  HIS n 
1 36  THR n 
1 37  TRP n 
1 38  LEU n 
1 39  LEU n 
1 40  ASP n 
1 41  ASP n 
1 42  GLU n 
1 43  PRO n 
1 44  VAL n 
1 45  ARG n 
1 46  THR n 
1 47  SER n 
1 48  GLU n 
1 49  ASN n 
1 50  ALA n 
1 51  GLU n 
1 52  VAL n 
1 53  VAL n 
1 54  PHE n 
1 55  PHE n 
1 56  GLU n 
1 57  ASN n 
1 58  GLY n 
1 59  LEU n 
1 60  ARG n 
1 61  HIS n 
1 62  LEU n 
1 63  LEU n 
1 64  LEU n 
1 65  LEU n 
1 66  LYS n 
1 67  ASN n 
1 68  LEU n 
1 69  ARG n 
1 70  PRO n 
1 71  GLN n 
1 72  ASP n 
1 73  SER n 
1 74  CYS n 
1 75  ARG n 
1 76  VAL n 
1 77  THR n 
1 78  PHE n 
1 79  LEU n 
1 80  ALA n 
1 81  GLY n 
1 82  ASP n 
1 83  MET n 
1 84  VAL n 
1 85  THR n 
1 86  SER n 
1 87  ALA n 
1 88  PHE n 
1 89  LEU n 
1 90  THR n 
1 91  VAL n 
1 92  ARG n 
1 93  GLY n 
1 94  GLY n 
1 95  LEU n 
1 96  GLU n 
1 97  HIS n 
1 98  HIS n 
1 99  HIS n 
1 100 HIS n 
1 101 HIS n 
1 102 HIS n 
# 
_entity_src_gen.entity_id                          1 
_entity_src_gen.pdbx_src_id                        1 
_entity_src_gen.pdbx_alt_source_flag               sample 
_entity_src_gen.pdbx_seq_type                      ? 
_entity_src_gen.pdbx_beg_seq_num                   ? 
_entity_src_gen.pdbx_end_seq_num                   ? 
_entity_src_gen.gene_src_common_name               human 
_entity_src_gen.gene_src_genus                     ? 
_entity_src_gen.pdbx_gene_src_gene                 'OBSCN, KIAA1556, KIAA1639' 
_entity_src_gen.gene_src_species                   ? 
_entity_src_gen.gene_src_strain                    ? 
_entity_src_gen.gene_src_tissue                    ? 
_entity_src_gen.gene_src_tissue_fraction           ? 
_entity_src_gen.gene_src_details                   'This sequence occurs naturally in humans' 
_entity_src_gen.pdbx_gene_src_fragment             ? 
_entity_src_gen.pdbx_gene_src_scientific_name      'Homo sapiens' 
_entity_src_gen.pdbx_gene_src_ncbi_taxonomy_id     9606 
_entity_src_gen.pdbx_gene_src_variant              ? 
_entity_src_gen.pdbx_gene_src_cell_line            ? 
_entity_src_gen.pdbx_gene_src_atcc                 ? 
_entity_src_gen.pdbx_gene_src_organ                ? 
_entity_src_gen.pdbx_gene_src_organelle            ? 
_entity_src_gen.pdbx_gene_src_cell                 ? 
_entity_src_gen.pdbx_gene_src_cellular_location    ? 
_entity_src_gen.host_org_common_name               ? 
_entity_src_gen.pdbx_host_org_scientific_name      'Escherichia coli' 
_entity_src_gen.pdbx_host_org_ncbi_taxonomy_id     469008 
_entity_src_gen.host_org_genus                     ? 
_entity_src_gen.pdbx_host_org_gene                 ? 
_entity_src_gen.pdbx_host_org_organ                ? 
_entity_src_gen.host_org_species                   ? 
_entity_src_gen.pdbx_host_org_tissue               ? 
_entity_src_gen.pdbx_host_org_tissue_fraction      ? 
_entity_src_gen.pdbx_host_org_strain               'Bl21(DE3)' 
_entity_src_gen.pdbx_host_org_variant              ? 
_entity_src_gen.pdbx_host_org_cell_line            ? 
_entity_src_gen.pdbx_host_org_atcc                 ? 
_entity_src_gen.pdbx_host_org_culture_collection   ? 
_entity_src_gen.pdbx_host_org_cell                 ? 
_entity_src_gen.pdbx_host_org_organelle            ? 
_entity_src_gen.pdbx_host_org_cellular_location    ? 
_entity_src_gen.pdbx_host_org_vector_type          plasmid 
_entity_src_gen.pdbx_host_org_vector               ? 
_entity_src_gen.host_org_details                   ? 
_entity_src_gen.expression_system_id               ? 
_entity_src_gen.plasmid_name                       PET24A 
_entity_src_gen.plasmid_details                    ? 
_entity_src_gen.pdbx_description                   ? 
# 
_struct_ref.id                         1 
_struct_ref.db_name                    UNP 
_struct_ref.db_code                    OBSCN_HUMAN 
_struct_ref.pdbx_db_accession          Q5VST9 
_struct_ref.entity_id                  1 
_struct_ref.pdbx_seq_one_letter_code   
;TAKNTVVRGLENVEALEGGEALFECQLSQPEVAAHTWLLDDEPVHTSENAEVVFFENGLRHLLLLKNLRPQDSCRVTFLA
GDMVTSAFLTVRG
;
_struct_ref.pdbx_align_begin           4337 
_struct_ref.pdbx_db_isoform            ? 
# 
_struct_ref_seq.align_id                      1 
_struct_ref_seq.ref_id                        1 
_struct_ref_seq.pdbx_PDB_id_code              4RSV 
_struct_ref_seq.pdbx_strand_id                A 
_struct_ref_seq.seq_align_beg                 1 
_struct_ref_seq.pdbx_seq_align_beg_ins_code   ? 
_struct_ref_seq.seq_align_end                 93 
_struct_ref_seq.pdbx_seq_align_end_ins_code   ? 
_struct_ref_seq.pdbx_db_accession             Q5VST9 
_struct_ref_seq.db_align_beg                  4337 
_struct_ref_seq.pdbx_db_align_beg_ins_code    ? 
_struct_ref_seq.db_align_end                  4429 
_struct_ref_seq.pdbx_db_align_end_ins_code    ? 
_struct_ref_seq.pdbx_auth_seq_align_beg       1 
_struct_ref_seq.pdbx_auth_seq_align_end       93 
# 
loop_
_struct_ref_seq_dif.align_id 
_struct_ref_seq_dif.pdbx_pdb_id_code 
_struct_ref_seq_dif.mon_id 
_struct_ref_seq_dif.pdbx_pdb_strand_id 
_struct_ref_seq_dif.seq_num 
_struct_ref_seq_dif.pdbx_pdb_ins_code 
_struct_ref_seq_dif.pdbx_seq_db_name 
_struct_ref_seq_dif.pdbx_seq_db_accession_code 
_struct_ref_seq_dif.db_mon_id 
_struct_ref_seq_dif.pdbx_seq_db_seq_num 
_struct_ref_seq_dif.details 
_struct_ref_seq_dif.pdbx_auth_seq_num 
_struct_ref_seq_dif.pdbx_ordinal 
1 4RSV ARG A 45  ? UNP Q5VST9 HIS 4381 variant          45  1  
1 4RSV GLY A 94  ? UNP Q5VST9 ?   ?    'expression tag' 94  2  
1 4RSV LEU A 95  ? UNP Q5VST9 ?   ?    'expression tag' 95  3  
1 4RSV GLU A 96  ? UNP Q5VST9 ?   ?    'expression tag' 96  4  
1 4RSV HIS A 97  ? UNP Q5VST9 ?   ?    'expression tag' 97  5  
1 4RSV HIS A 98  ? UNP Q5VST9 ?   ?    'expression tag' 98  6  
1 4RSV HIS A 99  ? UNP Q5VST9 ?   ?    'expression tag' 99  7  
1 4RSV HIS A 100 ? UNP Q5VST9 ?   ?    'expression tag' 100 8  
1 4RSV HIS A 101 ? UNP Q5VST9 ?   ?    'expression tag' 101 9  
1 4RSV HIS A 102 ? UNP Q5VST9 ?   ?    'expression tag' 102 10 
# 
loop_
_chem_comp.id 
_chem_comp.type 
_chem_comp.mon_nstd_flag 
_chem_comp.name 
_chem_comp.pdbx_synonyms 
_chem_comp.formula 
_chem_comp.formula_weight 
ALA 'L-peptide linking' y ALANINE         ? 'C3 H7 N O2'     89.093  
ARG 'L-peptide linking' y ARGININE        ? 'C6 H15 N4 O2 1' 175.209 
ASN 'L-peptide linking' y ASPARAGINE      ? 'C4 H8 N2 O3'    132.118 
ASP 'L-peptide linking' y 'ASPARTIC ACID' ? 'C4 H7 N O4'     133.103 
CYS 'L-peptide linking' y CYSTEINE        ? 'C3 H7 N O2 S'   121.158 
GLN 'L-peptide linking' y GLUTAMINE       ? 'C5 H10 N2 O3'   146.144 
GLU 'L-peptide linking' y 'GLUTAMIC ACID' ? 'C5 H9 N O4'     147.129 
GLY 'peptide linking'   y GLYCINE         ? 'C2 H5 N O2'     75.067  
HIS 'L-peptide linking' y HISTIDINE       ? 'C6 H10 N3 O2 1' 156.162 
HOH non-polymer         . WATER           ? 'H2 O'           18.015  
LEU 'L-peptide linking' y LEUCINE         ? 'C6 H13 N O2'    131.173 
LYS 'L-peptide linking' y LYSINE          ? 'C6 H15 N2 O2 1' 147.195 
MET 'L-peptide linking' y METHIONINE      ? 'C5 H11 N O2 S'  149.211 
PHE 'L-peptide linking' y PHENYLALANINE   ? 'C9 H11 N O2'    165.189 
PRO 'L-peptide linking' y PROLINE         ? 'C5 H9 N O2'     115.130 
SER 'L-peptide linking' y SERINE          ? 'C3 H7 N O3'     105.093 
THR 'L-peptide linking' y THREONINE       ? 'C4 H9 N O3'     119.119 
TRP 'L-peptide linking' y TRYPTOPHAN      ? 'C11 H12 N2 O2'  204.225 
VAL 'L-peptide linking' y VALINE          ? 'C5 H11 N O2'    117.146 
# 
_exptl.entry_id          4RSV 
_exptl.method            'X-RAY DIFFRACTION' 
_exptl.crystals_number   2 
# 
_exptl_crystal.id                    1 
_exptl_crystal.density_meas          ? 
_exptl_crystal.density_Matthews      2.22 
_exptl_crystal.density_percent_sol   44.68 
_exptl_crystal.description           ? 
_exptl_crystal.F_000                 ? 
_exptl_crystal.preparation           ? 
# 
_exptl_crystal_grow.crystal_id      1 
_exptl_crystal_grow.method          ? 
_exptl_crystal_grow.temp            298 
_exptl_crystal_grow.temp_details    ? 
_exptl_crystal_grow.pH              7.5 
_exptl_crystal_grow.pdbx_pH_range   ? 
_exptl_crystal_grow.pdbx_details    
;0.3-0.5M NaCl   
19-23% PEG 3350   
10.52-11.35 mg/ml, pH 7.5, VAPOR DIFFUSION, HANGING DROP, temperature 298K
;
# 
_diffrn.id                     1 
_diffrn.ambient_temp           170 
_diffrn.ambient_temp_details   ? 
_diffrn.crystal_id             1 
# 
_diffrn_detector.diffrn_id              1 
_diffrn_detector.detector               CCD 
_diffrn_detector.type                   'ADSC QUANTUM 315r' 
_diffrn_detector.pdbx_collection_date   2014-04-10 
_diffrn_detector.details                ? 
# 
_diffrn_radiation.diffrn_id                        1 
_diffrn_radiation.wavelength_id                    1 
_diffrn_radiation.pdbx_monochromatic_or_laue_m_l   M 
_diffrn_radiation.monochromator                    'SI(111)' 
_diffrn_radiation.pdbx_diffrn_protocol             'SINGLE WAVELENGTH' 
_diffrn_radiation.pdbx_scattering_type             x-ray 
# 
_diffrn_radiation_wavelength.id           1 
_diffrn_radiation_wavelength.wavelength   0.97918 
_diffrn_radiation_wavelength.wt           1.0 
# 
_diffrn_source.diffrn_id                   1 
_diffrn_source.source                      SYNCHROTRON 
_diffrn_source.type                        'APS BEAMLINE 19-ID' 
_diffrn_source.pdbx_synchrotron_site       APS 
_diffrn_source.pdbx_synchrotron_beamline   19-ID 
_diffrn_source.pdbx_wavelength             0.97918 
_diffrn_source.pdbx_wavelength_list        ? 
# 
_reflns.pdbx_diffrn_id               1 
_reflns.pdbx_ordinal                 1 
_reflns.entry_id                     4RSV 
_reflns.observed_criterion_sigma_I   1.000 
_reflns.observed_criterion_sigma_F   ? 
_reflns.d_resolution_low             37.640 
_reflns.d_resolution_high            2.411 
_reflns.number_obs                   4329 
_reflns.number_all                   ? 
_reflns.percent_possible_obs         95.8 
_reflns.pdbx_Rmerge_I_obs            0.03344 
_reflns.pdbx_Rsym_value              0.04104 
_reflns.pdbx_netI_over_sigmaI        29.47 
_reflns.B_iso_Wilson_estimate        ? 
_reflns.pdbx_redundancy              3.2 
_reflns.R_free_details               ? 
_reflns.limit_h_max                  ? 
_reflns.limit_h_min                  ? 
_reflns.limit_k_max                  ? 
_reflns.limit_k_min                  ? 
_reflns.limit_l_max                  ? 
_reflns.limit_l_min                  ? 
_reflns.observed_criterion_F_max     ? 
_reflns.observed_criterion_F_min     ? 
_reflns.pdbx_chi_squared             ? 
_reflns.pdbx_scaling_rejects         ? 
# 
_reflns_shell.pdbx_diffrn_id         1 
_reflns_shell.pdbx_ordinal           1 
_reflns_shell.d_res_high             2.56 
_reflns_shell.d_res_low              2.62 
_reflns_shell.percent_possible_all   69.2 
_reflns_shell.Rmerge_I_obs           0.3173 
_reflns_shell.pdbx_Rsym_value        0.04104 
_reflns_shell.meanI_over_sigI_obs    3.08 
_reflns_shell.pdbx_redundancy        3.4 
_reflns_shell.percent_possible_obs   ? 
_reflns_shell.number_unique_all      ? 
_reflns_shell.number_measured_all    ? 
_reflns_shell.number_measured_obs    ? 
_reflns_shell.number_unique_obs      ? 
_reflns_shell.pdbx_chi_squared       ? 
# 
_refine.pdbx_refine_id                           'X-RAY DIFFRACTION' 
_refine.entry_id                                 4RSV 
_refine.pdbx_diffrn_id                           1 
_refine.pdbx_TLS_residual_ADP_flag               ? 
_refine.ls_number_reflns_obs                     4329 
_refine.ls_number_reflns_all                     11201 
_refine.pdbx_ls_sigma_I                          ? 
_refine.pdbx_ls_sigma_F                          2.000 
_refine.pdbx_data_cutoff_high_absF               ? 
_refine.pdbx_data_cutoff_low_absF                ? 
_refine.pdbx_data_cutoff_high_rms_absF           ? 
_refine.ls_d_res_low                             37.64 
_refine.ls_d_res_high                            2.41 
_refine.ls_percent_reflns_obs                    ? 
_refine.ls_R_factor_obs                          0.260 
_refine.ls_R_factor_all                          ? 
_refine.ls_R_factor_R_work                       0.260 
_refine.ls_R_factor_R_free                       0.280 
_refine.ls_R_factor_R_free_error                 ? 
_refine.ls_R_factor_R_free_error_details         ? 
_refine.ls_percent_reflns_R_free                 ? 
_refine.ls_number_reflns_R_free                  433 
_refine.ls_number_parameters                     ? 
_refine.ls_number_restraints                     ? 
_refine.occupancy_min                            ? 
_refine.occupancy_max                            ? 
_refine.correlation_coeff_Fo_to_Fc               ? 
_refine.correlation_coeff_Fo_to_Fc_free          ? 
_refine.B_iso_mean                               ? 
_refine.aniso_B[1][1]                            ? 
_refine.aniso_B[2][2]                            ? 
_refine.aniso_B[3][3]                            ? 
_refine.aniso_B[1][2]                            ? 
_refine.aniso_B[1][3]                            ? 
_refine.aniso_B[2][3]                            ? 
_refine.solvent_model_details                    ? 
_refine.solvent_model_param_ksol                 ? 
_refine.solvent_model_param_bsol                 ? 
_refine.pdbx_solvent_vdw_probe_radii             ? 
_refine.pdbx_solvent_ion_probe_radii             ? 
_refine.pdbx_solvent_shrinkage_radii             ? 
_refine.pdbx_ls_cross_valid_method               ? 
_refine.details                                  ? 
_refine.pdbx_starting_model                      '2CR6, 2YZ8, 2E7B, 2RQ8' 
_refine.pdbx_method_to_determine_struct          'MOLECULAR REPLACEMENT' 
_refine.pdbx_isotropic_thermal_model             ? 
_refine.pdbx_stereochemistry_target_values       'ENGH & HUBER' 
_refine.pdbx_stereochem_target_val_spec_case     ? 
_refine.pdbx_R_Free_selection_details            ? 
_refine.pdbx_overall_ESU_R                       ? 
_refine.pdbx_overall_ESU_R_Free                  ? 
_refine.overall_SU_ML                            ? 
_refine.pdbx_overall_phase_error                 ? 
_refine.overall_SU_B                             ? 
_refine.overall_SU_R_Cruickshank_DPI             ? 
_refine.pdbx_overall_SU_R_free_Cruickshank_DPI   ? 
_refine.pdbx_overall_SU_R_Blow_DPI               ? 
_refine.pdbx_overall_SU_R_free_Blow_DPI          ? 
_refine.ls_redundancy_reflns_obs                 ? 
_refine.B_iso_min                                ? 
_refine.B_iso_max                                ? 
_refine.overall_SU_R_free                        ? 
_refine.ls_wR_factor_R_free                      ? 
_refine.ls_wR_factor_R_work                      ? 
_refine.overall_FOM_free_R_set                   ? 
_refine.overall_FOM_work_R_set                   ? 
# 
_refine_hist.pdbx_refine_id                   'X-RAY DIFFRACTION' 
_refine_hist.cycle_id                         LAST 
_refine_hist.pdbx_number_atoms_protein        706 
_refine_hist.pdbx_number_atoms_nucleic_acid   0 
_refine_hist.pdbx_number_atoms_ligand         0 
_refine_hist.number_atoms_solvent             1 
_refine_hist.number_atoms_total               707 
_refine_hist.d_res_high                       2.41 
_refine_hist.d_res_low                        37.64 
# 
loop_
_refine_ls_restr.type 
_refine_ls_restr.dev_ideal 
_refine_ls_restr.dev_ideal_target 
_refine_ls_restr.weight 
_refine_ls_restr.number 
_refine_ls_restr.pdbx_refine_id 
_refine_ls_restr.pdbx_restraint_function 
f_bond_d           0.020 ? ? ? 'X-RAY DIFFRACTION' ? 
f_angle_d          ?     ? ? ? 'X-RAY DIFFRACTION' ? 
f_dihedral_angle_d ?     ? ? ? 'X-RAY DIFFRACTION' ? 
f_chiral_restr     ?     ? ? ? 'X-RAY DIFFRACTION' ? 
f_plane_restr      ?     ? ? ? 'X-RAY DIFFRACTION' ? 
# 
_struct.entry_id                  4RSV 
_struct.title                     'Human Obscurin Ig58 Domain' 
_struct.pdbx_model_details        ? 
_struct.pdbx_CASP_flag            ? 
_struct.pdbx_model_type_details   ? 
# 
_struct_keywords.entry_id        4RSV 
_struct_keywords.pdbx_keywords   'STRUCTURAL PROTEIN' 
_struct_keywords.text            'Ig-like, cytoskeletal, Titin, Myocytes, STRUCTURAL PROTEIN' 
# 
loop_
_struct_asym.id 
_struct_asym.pdbx_blank_PDB_chainid_flag 
_struct_asym.pdbx_modified 
_struct_asym.entity_id 
_struct_asym.details 
A N N 1 ? 
B N N 2 ? 
# 
_struct_biol.id        1 
_struct_biol.details   ? 
# 
loop_
_struct_conf.conf_type_id 
_struct_conf.id 
_struct_conf.pdbx_PDB_helix_id 
_struct_conf.beg_label_comp_id 
_struct_conf.beg_label_asym_id 
_struct_conf.beg_label_seq_id 
_struct_conf.pdbx_beg_PDB_ins_code 
_struct_conf.end_label_comp_id 
_struct_conf.end_label_asym_id 
_struct_conf.end_label_seq_id 
_struct_conf.pdbx_end_PDB_ins_code 
_struct_conf.beg_auth_comp_id 
_struct_conf.beg_auth_asym_id 
_struct_conf.beg_auth_seq_id 
_struct_conf.end_auth_comp_id 
_struct_conf.end_auth_asym_id 
_struct_conf.end_auth_seq_id 
_struct_conf.pdbx_PDB_helix_class 
_struct_conf.details 
_struct_conf.pdbx_PDB_helix_length 
HELX_P HELX_P1 1 GLU A 56 ? GLY A 58 ? GLU A 56 GLY A 58 5 ? 3 
HELX_P HELX_P2 2 ARG A 69 ? SER A 73 ? ARG A 69 SER A 73 5 ? 5 
# 
_struct_conf_type.id          HELX_P 
_struct_conf_type.criteria    ? 
_struct_conf_type.reference   ? 
# 
_struct_mon_prot_cis.pdbx_id                1 
_struct_mon_prot_cis.label_comp_id          GLY 
_struct_mon_prot_cis.label_seq_id           18 
_struct_mon_prot_cis.label_asym_id          A 
_struct_mon_prot_cis.label_alt_id           . 
_struct_mon_prot_cis.pdbx_PDB_ins_code      ? 
_struct_mon_prot_cis.auth_comp_id           GLY 
_struct_mon_prot_cis.auth_seq_id            18 
_struct_mon_prot_cis.auth_asym_id           A 
_struct_mon_prot_cis.pdbx_label_comp_id_2   GLY 
_struct_mon_prot_cis.pdbx_label_seq_id_2    19 
_struct_mon_prot_cis.pdbx_label_asym_id_2   A 
_struct_mon_prot_cis.pdbx_PDB_ins_code_2    ? 
_struct_mon_prot_cis.pdbx_auth_comp_id_2    GLY 
_struct_mon_prot_cis.pdbx_auth_seq_id_2     19 
_struct_mon_prot_cis.pdbx_auth_asym_id_2    A 
_struct_mon_prot_cis.pdbx_PDB_model_num     1 
_struct_mon_prot_cis.pdbx_omega_angle       -10.49 
# 
loop_
_struct_sheet.id 
_struct_sheet.type 
_struct_sheet.number_strands 
_struct_sheet.details 
A ? 4 ? 
B ? 5 ? 
# 
loop_
_struct_sheet_order.sheet_id 
_struct_sheet_order.range_id_1 
_struct_sheet_order.range_id_2 
_struct_sheet_order.offset 
_struct_sheet_order.sense 
A 1 2 ? anti-parallel 
A 2 3 ? anti-parallel 
A 3 4 ? anti-parallel 
B 1 2 ? parallel      
B 2 3 ? anti-parallel 
B 3 4 ? anti-parallel 
B 4 5 ? anti-parallel 
# 
loop_
_struct_sheet_range.sheet_id 
_struct_sheet_range.id 
_struct_sheet_range.beg_label_comp_id 
_struct_sheet_range.beg_label_asym_id 
_struct_sheet_range.beg_label_seq_id 
_struct_sheet_range.pdbx_beg_PDB_ins_code 
_struct_sheet_range.end_label_comp_id 
_struct_sheet_range.end_label_asym_id 
_struct_sheet_range.end_label_seq_id 
_struct_sheet_range.pdbx_end_PDB_ins_code 
_struct_sheet_range.beg_auth_comp_id 
_struct_sheet_range.beg_auth_asym_id 
_struct_sheet_range.beg_auth_seq_id 
_struct_sheet_range.end_auth_comp_id 
_struct_sheet_range.end_auth_asym_id 
_struct_sheet_range.end_auth_seq_id 
A 1 VAL A 6  ? ARG A 8  ? VAL A 6  ARG A 8  
A 2 GLU A 20 ? LEU A 27 ? GLU A 20 LEU A 27 
A 3 ARG A 60 ? LYS A 66 ? ARG A 60 LYS A 66 
A 4 ALA A 50 ? PHE A 55 ? ALA A 50 PHE A 55 
B 1 VAL A 13 ? ALA A 15 ? VAL A 13 ALA A 15 
B 2 MET A 83 ? VAL A 91 ? MET A 83 VAL A 91 
B 3 CYS A 74 ? ALA A 80 ? CYS A 74 ALA A 80 
B 4 HIS A 35 ? LEU A 39 ? HIS A 35 LEU A 39 
B 5 GLU A 42 ? PRO A 43 ? GLU A 42 PRO A 43 
# 
loop_
_pdbx_struct_sheet_hbond.sheet_id 
_pdbx_struct_sheet_hbond.range_id_1 
_pdbx_struct_sheet_hbond.range_id_2 
_pdbx_struct_sheet_hbond.range_1_label_atom_id 
_pdbx_struct_sheet_hbond.range_1_label_comp_id 
_pdbx_struct_sheet_hbond.range_1_label_asym_id 
_pdbx_struct_sheet_hbond.range_1_label_seq_id 
_pdbx_struct_sheet_hbond.range_1_PDB_ins_code 
_pdbx_struct_sheet_hbond.range_1_auth_atom_id 
_pdbx_struct_sheet_hbond.range_1_auth_comp_id 
_pdbx_struct_sheet_hbond.range_1_auth_asym_id 
_pdbx_struct_sheet_hbond.range_1_auth_seq_id 
_pdbx_struct_sheet_hbond.range_2_label_atom_id 
_pdbx_struct_sheet_hbond.range_2_label_comp_id 
_pdbx_struct_sheet_hbond.range_2_label_asym_id 
_pdbx_struct_sheet_hbond.range_2_label_seq_id 
_pdbx_struct_sheet_hbond.range_2_PDB_ins_code 
_pdbx_struct_sheet_hbond.range_2_auth_atom_id 
_pdbx_struct_sheet_hbond.range_2_auth_comp_id 
_pdbx_struct_sheet_hbond.range_2_auth_asym_id 
_pdbx_struct_sheet_hbond.range_2_auth_seq_id 
A 1 2 N VAL A 7  ? N VAL A 7  O GLN A 26 ? O GLN A 26 
A 2 3 N CYS A 25 ? N CYS A 25 O HIS A 61 ? O HIS A 61 
A 3 4 O LEU A 64 ? O LEU A 64 N GLU A 51 ? N GLU A 51 
B 1 2 N VAL A 13 ? N VAL A 13 O PHE A 88 ? O PHE A 88 
B 2 3 O LEU A 89 ? O LEU A 89 N CYS A 74 ? N CYS A 74 
B 3 4 O THR A 77 ? O THR A 77 N LEU A 38 ? N LEU A 38 
B 4 5 N LEU A 39 ? N LEU A 39 O GLU A 42 ? O GLU A 42 
# 
_atom_sites.entry_id                    4RSV 
_atom_sites.fract_transf_matrix[1][1]   -0.02260237 
_atom_sites.fract_transf_matrix[1][2]   0.01065256 
_atom_sites.fract_transf_matrix[1][3]   0.00703603 
_atom_sites.fract_transf_matrix[2][1]   -0.00065875 
_atom_sites.fract_transf_matrix[2][2]   0.02440690 
_atom_sites.fract_transf_matrix[2][3]   0.00881698 
_atom_sites.fract_transf_matrix[3][1]   -0.00075327 
_atom_sites.fract_transf_matrix[3][2]   0.00188451 
_atom_sites.fract_transf_matrix[3][3]   -0.00527292 
_atom_sites.fract_transf_vector[1]      0.812992 
_atom_sites.fract_transf_vector[2]      1.446471 
_atom_sites.fract_transf_vector[3]      1.022056 
# 
loop_
_atom_type.symbol 
C 
N 
O 
S 
# 
loop_
_atom_site.group_PDB 
_atom_site.id 
_atom_site.type_symbol 
_atom_site.label_atom_id 
_atom_site.label_alt_id 
_atom_site.label_comp_id 
_atom_site.label_asym_id 
_atom_site.label_entity_id 
_atom_site.label_seq_id 
_atom_site.pdbx_PDB_ins_code 
_atom_site.Cartn_x 
_atom_site.Cartn_y 
_atom_site.Cartn_z 
_atom_site.occupancy 
_atom_site.B_iso_or_equiv 
_atom_site.pdbx_formal_charge 
_atom_site.auth_seq_id 
_atom_site.auth_comp_id 
_atom_site.auth_asym_id 
_atom_site.auth_atom_id 
_atom_site.pdbx_PDB_model_num 
ATOM   1   N N   . LYS A 1 3  ? -2.866  -18.746 -12.206 1.00 107.44 ? 3   LYS A N   1 
ATOM   2   C CA  . LYS A 1 3  ? -3.530  -17.495 -11.880 1.00 109.76 ? 3   LYS A CA  1 
ATOM   3   C C   . LYS A 1 3  ? -2.847  -16.930 -10.666 1.00 103.25 ? 3   LYS A C   1 
ATOM   4   O O   . LYS A 1 3  ? -2.167  -17.651 -9.957  1.00 94.75  ? 3   LYS A O   1 
ATOM   5   C CB  . LYS A 1 3  ? -4.999  -17.737 -11.589 1.00 120.59 ? 3   LYS A CB  1 
ATOM   6   C CG  . LYS A 1 3  ? -5.824  -16.476 -11.546 1.00 106.79 ? 3   LYS A CG  1 
ATOM   7   C CD  . LYS A 1 3  ? -7.304  -16.795 -11.547 1.00 127.75 ? 3   LYS A CD  1 
ATOM   8   C CE  . LYS A 1 3  ? -8.002  -16.067 -10.417 1.00 127.98 ? 3   LYS A CE  1 
ATOM   9   N NZ  . LYS A 1 3  ? -9.242  -16.781 -10.021 1.00 137.06 ? 3   LYS A NZ  1 
ATOM   10  N N   . ASN A 1 4  ? -2.878  -15.623 -10.450 1.00 97.96  ? 4   ASN A N   1 
ATOM   11  C CA  . ASN A 1 4  ? -2.084  -15.103 -9.333  1.00 101.50 ? 4   ASN A CA  1 
ATOM   12  C C   . ASN A 1 4  ? -2.920  -14.580 -8.176  1.00 100.36 ? 4   ASN A C   1 
ATOM   13  O O   . ASN A 1 4  ? -3.996  -14.032 -8.323  1.00 88.20  ? 4   ASN A O   1 
ATOM   14  C CB  . ASN A 1 4  ? -0.983  -14.106 -9.774  1.00 106.52 ? 4   ASN A CB  1 
ATOM   15  C CG  . ASN A 1 4  ? 0.031   -13.791 -8.650  1.00 133.17 ? 4   ASN A CG  1 
ATOM   16  O OD1 . ASN A 1 4  ? 0.304   -14.642 -7.798  1.00 165.85 ? 4   ASN A OD1 1 
ATOM   17  N ND2 . ASN A 1 4  ? 0.600   -12.567 -8.654  1.00 124.90 ? 4   ASN A ND2 1 
ATOM   18  N N   . THR A 1 5  ? -2.361  -14.784 -7.010  1.00 100.11 ? 5   THR A N   1 
ATOM   19  C CA  . THR A 1 5  ? -3.016  -14.622 -5.740  1.00 93.65  ? 5   THR A CA  1 
ATOM   20  C C   . THR A 1 5  ? -2.170  -13.816 -4.807  1.00 84.23  ? 5   THR A C   1 
ATOM   21  O O   . THR A 1 5  ? -0.986  -13.671 -4.999  1.00 93.17  ? 5   THR A O   1 
ATOM   22  C CB  . THR A 1 5  ? -3.189  -15.985 -5.083  1.00 90.20  ? 5   THR A CB  1 
ATOM   23  O OG1 . THR A 1 5  ? -1.900  -16.506 -4.770  1.00 67.56  ? 5   THR A OG1 1 
ATOM   24  C CG2 . THR A 1 5  ? -3.844  -16.914 -6.031  1.00 71.46  ? 5   THR A CG2 1 
ATOM   25  N N   . VAL A 1 6  ? -2.792  -13.312 -3.763  1.00 89.49  ? 6   VAL A N   1 
ATOM   26  C CA  . VAL A 1 6  ? -2.060  -12.626 -2.737  1.00 85.49  ? 6   VAL A CA  1 
ATOM   27  C C   . VAL A 1 6  ? -1.504  -13.646 -1.791  1.00 84.95  ? 6   VAL A C   1 
ATOM   28  O O   . VAL A 1 6  ? -2.203  -14.489 -1.308  1.00 68.40  ? 6   VAL A O   1 
ATOM   29  C CB  . VAL A 1 6  ? -2.951  -11.659 -1.980  1.00 98.23  ? 6   VAL A CB  1 
ATOM   30  C CG1 . VAL A 1 6  ? -2.210  -11.060 -0.812  1.00 88.33  ? 6   VAL A CG1 1 
ATOM   31  C CG2 . VAL A 1 6  ? -3.424  -10.576 -2.918  1.00 85.07  ? 6   VAL A CG2 1 
ATOM   32  N N   . VAL A 1 7  ? -0.222  -13.541 -1.551  1.00 94.02  ? 7   VAL A N   1 
ATOM   33  C CA  . VAL A 1 7  ? 0.550   -14.461 -0.717  1.00 109.02 ? 7   VAL A CA  1 
ATOM   34  C C   . VAL A 1 7  ? 0.758   -13.869 0.671   1.00 92.39  ? 7   VAL A C   1 
ATOM   35  O O   . VAL A 1 7  ? 1.018   -14.572 1.643   1.00 98.91  ? 7   VAL A O   1 
ATOM   36  C CB  . VAL A 1 7  ? 1.916   -14.778 -1.382  1.00 131.07 ? 7   VAL A CB  1 
ATOM   37  C CG1 . VAL A 1 7  ? 2.934   -15.348 -0.402  1.00 143.03 ? 7   VAL A CG1 1 
ATOM   38  C CG2 . VAL A 1 7  ? 1.710   -15.714 -2.553  1.00 129.56 ? 7   VAL A CG2 1 
ATOM   39  N N   . ARG A 1 8  ? 0.546   -12.584 0.763   1.00 88.03  ? 8   ARG A N   1 
ATOM   40  C CA  . ARG A 1 8  ? 0.809   -11.874 1.984   1.00 77.53  ? 8   ARG A CA  1 
ATOM   41  C C   . ARG A 1 8  ? 0.067   -10.574 1.957   1.00 97.99  ? 8   ARG A C   1 
ATOM   42  O O   . ARG A 1 8  ? 0.495   -9.629  1.344   1.00 69.11  ? 8   ARG A O   1 
ATOM   43  C CB  . ARG A 1 8  ? 2.293   -11.629 2.082   1.00 102.08 ? 8   ARG A CB  1 
ATOM   44  C CG  . ARG A 1 8  ? 2.795   -11.265 3.450   1.00 105.12 ? 8   ARG A CG  1 
ATOM   45  C CD  . ARG A 1 8  ? 4.245   -10.852 3.376   1.00 121.11 ? 8   ARG A CD  1 
ATOM   46  N NE  . ARG A 1 8  ? 4.569   -9.793  4.316   1.00 124.68 ? 8   ARG A NE  1 
ATOM   47  C CZ  . ARG A 1 8  ? 5.544   -8.915  4.133   1.00 114.97 ? 8   ARG A CZ  1 
ATOM   48  N NH1 . ARG A 1 8  ? 6.283   -8.965  3.040   1.00 112.88 ? 8   ARG A NH1 1 
ATOM   49  N NH2 . ARG A 1 8  ? 5.778   -7.990  5.042   1.00 106.67 ? 8   ARG A NH2 1 
ATOM   50  N N   . GLY A 1 9  ? -1.074  -10.546 2.601   1.00 91.85  ? 9   GLY A N   1 
ATOM   51  C CA  . GLY A 1 9  ? -1.921  -9.373  2.521   1.00 81.49  ? 9   GLY A CA  1 
ATOM   52  C C   . GLY A 1 9  ? -1.351  -8.127  3.178   1.00 78.15  ? 9   GLY A C   1 
ATOM   53  O O   . GLY A 1 9  ? -0.362  -8.168  3.916   1.00 80.60  ? 9   GLY A O   1 
ATOM   54  N N   . LEU A 1 10 ? -1.978  -6.998  2.881   1.00 64.92  ? 10  LEU A N   1 
ATOM   55  C CA  . LEU A 1 10 ? -1.737  -5.791  3.636   1.00 64.91  ? 10  LEU A CA  1 
ATOM   56  C C   . LEU A 1 10 ? -2.097  -6.067  5.077   1.00 86.18  ? 10  LEU A C   1 
ATOM   57  O O   . LEU A 1 10 ? -3.172  -6.595  5.361   1.00 91.06  ? 10  LEU A O   1 
ATOM   58  C CB  . LEU A 1 10 ? -2.570  -4.634  3.090   1.00 84.63  ? 10  LEU A CB  1 
ATOM   59  C CG  . LEU A 1 10 ? -1.839  -3.605  2.233   1.00 73.16  ? 10  LEU A CG  1 
ATOM   60  C CD1 . LEU A 1 10 ? -0.962  -4.290  1.230   1.00 59.37  ? 10  LEU A CD1 1 
ATOM   61  C CD2 . LEU A 1 10 ? -2.838  -2.728  1.526   1.00 76.76  ? 10  LEU A CD2 1 
ATOM   62  N N   . GLU A 1 11 ? -1.196  -5.740  5.990   1.00 87.52  ? 11  GLU A N   1 
ATOM   63  C CA  . GLU A 1 11 ? -1.603  -5.810  7.380   1.00 91.55  ? 11  GLU A CA  1 
ATOM   64  C C   . GLU A 1 11 ? -1.766  -4.395  7.886   1.00 72.28  ? 11  GLU A C   1 
ATOM   65  O O   . GLU A 1 11 ? -1.050  -3.505  7.437   1.00 59.19  ? 11  GLU A O   1 
ATOM   66  C CB  . GLU A 1 11 ? -0.584  -6.578  8.216   1.00 117.30 ? 11  GLU A CB  1 
ATOM   67  C CG  . GLU A 1 11 ? -0.468  -8.054  7.829   1.00 150.52 ? 11  GLU A CG  1 
ATOM   68  C CD  . GLU A 1 11 ? -1.644  -8.896  8.315   1.00 186.03 ? 11  GLU A CD  1 
ATOM   69  O OE1 . GLU A 1 11 ? -2.562  -8.342  8.960   1.00 204.94 ? 11  GLU A OE1 1 
ATOM   70  O OE2 . GLU A 1 11 ? -1.656  -10.119 8.050   1.00 199.57 ? 11  GLU A OE2 1 
ATOM   71  N N   . ASN A 1 12 ? -2.706  -4.211  8.807   1.00 86.24  ? 12  ASN A N   1 
ATOM   72  C CA  . ASN A 1 12 ? -2.954  -2.913  9.415   1.00 70.65  ? 12  ASN A CA  1 
ATOM   73  C C   . ASN A 1 12 ? -1.658  -2.321  9.942   1.00 87.21  ? 12  ASN A C   1 
ATOM   74  O O   . ASN A 1 12 ? -0.701  -3.042  10.223  1.00 98.71  ? 12  ASN A O   1 
ATOM   75  C CB  . ASN A 1 12 ? -3.971  -3.034  10.551  1.00 66.94  ? 12  ASN A CB  1 
ATOM   76  C CG  . ASN A 1 12 ? -5.346  -3.447  10.062  1.00 88.36  ? 12  ASN A CG  1 
ATOM   77  O OD1 . ASN A 1 12 ? -5.784  -3.035  8.987   1.00 67.89  ? 12  ASN A OD1 1 
ATOM   78  N ND2 . ASN A 1 12 ? -6.034  -4.264  10.849  1.00 101.69 ? 12  ASN A ND2 1 
ATOM   79  N N   . VAL A 1 13 ? -1.633  -1.001  10.068  1.00 89.90  ? 13  VAL A N   1 
ATOM   80  C CA  . VAL A 1 13 ? -0.438  -0.308  10.478  1.00 72.67  ? 13  VAL A CA  1 
ATOM   81  C C   . VAL A 1 13 ? -0.779  0.829   11.395  1.00 72.35  ? 13  VAL A C   1 
ATOM   82  O O   . VAL A 1 13 ? -1.722  1.545   11.155  1.00 92.86  ? 13  VAL A O   1 
ATOM   83  C CB  . VAL A 1 13 ? 0.280   0.249   9.261   1.00 79.21  ? 13  VAL A CB  1 
ATOM   84  C CG1 . VAL A 1 13 ? 1.485   1.050   9.670   1.00 81.40  ? 13  VAL A CG1 1 
ATOM   85  C CG2 . VAL A 1 13 ? 0.707   -0.889  8.387   1.00 86.80  ? 13  VAL A CG2 1 
ATOM   86  N N   . GLU A 1 14 ? -0.014  0.965   12.462  1.00 96.17  ? 14  GLU A N   1 
ATOM   87  C CA  . GLU A 1 14 ? -0.224  2.024   13.416  1.00 92.16  ? 14  GLU A CA  1 
ATOM   88  C C   . GLU A 1 14 ? 0.986   2.885   13.356  1.00 85.87  ? 14  GLU A C   1 
ATOM   89  O O   . GLU A 1 14 ? 2.082   2.384   13.421  1.00 94.79  ? 14  GLU A O   1 
ATOM   90  C CB  . GLU A 1 14 ? -0.369  1.454   14.806  1.00 108.17 ? 14  GLU A CB  1 
ATOM   91  C CG  . GLU A 1 14 ? -1.369  0.320   14.919  1.00 134.81 ? 14  GLU A CG  1 
ATOM   92  C CD  . GLU A 1 14 ? -2.098  0.303   16.252  1.00 148.89 ? 14  GLU A CD  1 
ATOM   93  O OE1 . GLU A 1 14 ? -1.736  1.084   17.153  1.00 141.67 ? 14  GLU A OE1 1 
ATOM   94  O OE2 . GLU A 1 14 ? -3.042  -0.494  16.401  1.00 172.76 ? 14  GLU A OE2 1 
ATOM   95  N N   . ALA A 1 15 ? 0.731   4.157   13.187  1.00 79.36  ? 15  ALA A N   1 
ATOM   96  C CA  . ALA A 1 15 ? 1.760   5.143   13.151  1.00 91.01  ? 15  ALA A CA  1 
ATOM   97  C C   . ALA A 1 15 ? 1.209   6.417   13.707  1.00 95.88  ? 15  ALA A C   1 
ATOM   98  O O   . ALA A 1 15 ? 0.044   6.707   13.560  1.00 100.96 ? 15  ALA A O   1 
ATOM   99  C CB  . ALA A 1 15 ? 2.217   5.355   11.742  1.00 63.70  ? 15  ALA A CB  1 
ATOM   100 N N   . LEU A 1 16 ? 2.092   7.246   14.235  1.00 91.79  ? 16  LEU A N   1 
ATOM   101 C CA  . LEU A 1 16 ? 1.714   8.534   14.772  1.00 117.58 ? 16  LEU A CA  1 
ATOM   102 C C   . LEU A 1 16 ? 2.240   9.647   13.913  1.00 106.69 ? 16  LEU A C   1 
ATOM   103 O O   . LEU A 1 16 ? 3.424   9.774   13.702  1.00 118.89 ? 16  LEU A O   1 
ATOM   104 C CB  . LEU A 1 16 ? 2.284   8.692   16.160  1.00 102.52 ? 16  LEU A CB  1 
ATOM   105 C CG  . LEU A 1 16 ? 1.675   7.687   17.117  1.00 133.63 ? 16  LEU A CG  1 
ATOM   106 C CD1 . LEU A 1 16 ? 2.376   7.778   18.456  1.00 154.41 ? 16  LEU A CD1 1 
ATOM   107 C CD2 . LEU A 1 16 ? 0.182   7.920   17.249  1.00 144.47 ? 16  LEU A CD2 1 
ATOM   108 N N   . GLU A 1 17 ? 1.364   10.579  13.619  1.00 103.87 ? 17  GLU A N   1 
ATOM   109 C CA  . GLU A 1 17 ? 1.698   11.782  12.888  1.00 103.43 ? 17  GLU A CA  1 
ATOM   110 C C   . GLU A 1 17 ? 2.963   12.404  13.342  1.00 105.08 ? 17  GLU A C   1 
ATOM   111 O O   . GLU A 1 17 ? 3.205   12.472  14.512  1.00 114.85 ? 17  GLU A O   1 
ATOM   112 C CB  . GLU A 1 17 ? 0.621   12.811  13.136  1.00 99.15  ? 17  GLU A CB  1 
ATOM   113 C CG  . GLU A 1 17 ? 0.541   13.281  14.568  1.00 109.95 ? 17  GLU A CG  1 
ATOM   114 C CD  . GLU A 1 17 ? 0.136   14.727  14.657  1.00 130.00 ? 17  GLU A CD  1 
ATOM   115 O OE1 . GLU A 1 17 ? 0.602   15.518  13.828  1.00 137.87 ? 17  GLU A OE1 1 
ATOM   116 O OE2 . GLU A 1 17 ? -0.652  15.077  15.545  1.00 154.72 ? 17  GLU A OE2 1 
ATOM   117 N N   . GLY A 1 18 ? 3.685   13.019  12.429  1.00 125.80 ? 18  GLY A N   1 
ATOM   118 C CA  . GLY A 1 18 ? 4.350   12.347  11.323  1.00 129.52 ? 18  GLY A CA  1 
ATOM   119 C C   . GLY A 1 18 ? 5.855   12.396  11.539  1.00 110.78 ? 18  GLY A C   1 
ATOM   120 O O   . GLY A 1 18 ? 6.389   13.486  11.741  1.00 113.52 ? 18  GLY A O   1 
ATOM   121 N N   . GLY A 1 19 ? 6.563   11.270  11.451  1.00 114.46 ? 19  GLY A N   1 
ATOM   122 C CA  . GLY A 1 19 ? 5.998   9.931   11.374  1.00 122.88 ? 19  GLY A CA  1 
ATOM   123 C C   . GLY A 1 19 ? 5.780   9.443   9.955   1.00 113.49 ? 19  GLY A C   1 
ATOM   124 O O   . GLY A 1 19 ? 5.671   10.233  9.019   1.00 99.12  ? 19  GLY A O   1 
ATOM   125 N N   . GLU A 1 20 ? 5.718   8.123   9.805   1.00 113.21 ? 20  GLU A N   1 
ATOM   126 C CA  . GLU A 1 20 ? 5.526   7.493   8.504   1.00 81.72  ? 20  GLU A CA  1 
ATOM   127 C C   . GLU A 1 20 ? 4.921   6.104   8.672   1.00 94.06  ? 20  GLU A C   1 
ATOM   128 O O   . GLU A 1 20 ? 4.971   5.526   9.758   1.00 101.90 ? 20  GLU A O   1 
ATOM   129 C CB  . GLU A 1 20 ? 6.857   7.397   7.758   1.00 76.54  ? 20  GLU A CB  1 
ATOM   130 C CG  . GLU A 1 20 ? 7.810   6.357   8.325   1.00 74.92  ? 20  GLU A CG  1 
ATOM   131 C CD  . GLU A 1 20 ? 9.127   6.305   7.577   1.00 106.37 ? 20  GLU A CD  1 
ATOM   132 O OE1 . GLU A 1 20 ? 9.735   5.215   7.515   1.00 113.02 ? 20  GLU A OE1 1 
ATOM   133 O OE2 . GLU A 1 20 ? 9.556   7.353   7.051   1.00 108.56 ? 20  GLU A OE2 1 
ATOM   134 N N   . ALA A 1 21 ? 4.354   5.567   7.596   1.00 79.03  ? 21  ALA A N   1 
ATOM   135 C CA  . ALA A 1 21 ? 3.810   4.238   7.621   1.00 59.07  ? 21  ALA A CA  1 
ATOM   136 C C   . ALA A 1 21 ? 4.175   3.495   6.375   1.00 76.57  ? 21  ALA A C   1 
ATOM   137 O O   . ALA A 1 21 ? 4.459   4.084   5.366   1.00 91.64  ? 21  ALA A O   1 
ATOM   138 C CB  . ALA A 1 21 ? 2.323   4.307   7.753   1.00 67.76  ? 21  ALA A CB  1 
ATOM   139 N N   . LEU A 1 22 ? 4.151   2.183   6.449   1.00 86.34  ? 22  LEU A N   1 
ATOM   140 C CA  . LEU A 1 22 ? 4.655   1.371   5.388   1.00 60.13  ? 22  LEU A CA  1 
ATOM   141 C C   . LEU A 1 22 ? 3.854   0.119   5.209   1.00 68.82  ? 22  LEU A C   1 
ATOM   142 O O   . LEU A 1 22 ? 3.703   -0.642  6.132   1.00 87.04  ? 22  LEU A O   1 
ATOM   143 C CB  . LEU A 1 22 ? 6.069   0.991   5.707   1.00 71.22  ? 22  LEU A CB  1 
ATOM   144 C CG  . LEU A 1 22 ? 6.672   0.040   4.708   1.00 82.10  ? 22  LEU A CG  1 
ATOM   145 C CD1 . LEU A 1 22 ? 6.445   0.566   3.314   1.00 65.74  ? 22  LEU A CD1 1 
ATOM   146 C CD2 . LEU A 1 22 ? 8.145   -0.144  4.983   1.00 79.89  ? 22  LEU A CD2 1 
ATOM   147 N N   . PHE A 1 23 ? 3.337   -0.098  4.010   1.00 82.79  ? 23  PHE A N   1 
ATOM   148 C CA  . PHE A 1 23 ? 2.523   -1.259  3.759   1.00 77.59  ? 23  PHE A CA  1 
ATOM   149 C C   . PHE A 1 23 ? 3.222   -2.158  2.764   1.00 87.51  ? 23  PHE A C   1 
ATOM   150 O O   . PHE A 1 23 ? 3.966   -1.685  1.946   1.00 89.99  ? 23  PHE A O   1 
ATOM   151 C CB  . PHE A 1 23 ? 1.179   -0.834  3.222   1.00 81.81  ? 23  PHE A CB  1 
ATOM   152 C CG  . PHE A 1 23 ? 0.301   -0.178  4.227   1.00 72.68  ? 23  PHE A CG  1 
ATOM   153 C CD1 . PHE A 1 23 ? 0.449   1.129   4.528   1.00 65.41  ? 23  PHE A CD1 1 
ATOM   154 C CD2 . PHE A 1 23 ? -0.679  -0.878  4.843   1.00 70.29  ? 23  PHE A CD2 1 
ATOM   155 C CE1 . PHE A 1 23 ? -0.354  1.726   5.443   1.00 80.40  ? 23  PHE A CE1 1 
ATOM   156 C CE2 . PHE A 1 23 ? -1.487  -0.288  5.764   1.00 76.21  ? 23  PHE A CE2 1 
ATOM   157 C CZ  . PHE A 1 23 ? -1.327  1.017   6.059   1.00 54.14  ? 23  PHE A CZ  1 
ATOM   158 N N   . GLU A 1 24 ? 3.040   -3.462  2.867   1.00 84.51  ? 24  GLU A N   1 
ATOM   159 C CA  . GLU A 1 24 ? 3.691   -4.372  1.949   1.00 61.49  ? 24  GLU A CA  1 
ATOM   160 C C   . GLU A 1 24 ? 2.753   -5.468  1.565   1.00 72.65  ? 24  GLU A C   1 
ATOM   161 O O   . GLU A 1 24 ? 1.744   -5.676  2.182   1.00 62.19  ? 24  GLU A O   1 
ATOM   162 C CB  . GLU A 1 24 ? 4.991   -4.959  2.493   1.00 78.89  ? 24  GLU A CB  1 
ATOM   163 C CG  . GLU A 1 24 ? 5.858   -5.546  1.380   1.00 100.29 ? 24  GLU A CG  1 
ATOM   164 C CD  . GLU A 1 24 ? 7.010   -6.432  1.841   1.00 132.33 ? 24  GLU A CD  1 
ATOM   165 O OE1 . GLU A 1 24 ? 6.771   -7.586  2.240   1.00 155.83 ? 24  GLU A OE1 1 
ATOM   166 O OE2 . GLU A 1 24 ? 8.172   -5.999  1.763   1.00 140.64 ? 24  GLU A OE2 1 
ATOM   167 N N   . CYS A 1 25 ? 3.092   -6.158  0.507   1.00 62.31  ? 25  CYS A N   1 
ATOM   168 C CA  . CYS A 1 25 ? 2.159   -7.103  -0.068  1.00 59.81  ? 25  CYS A CA  1 
ATOM   169 C C   . CYS A 1 25 ? 2.869   -7.951  -1.082  1.00 109.35 ? 25  CYS A C   1 
ATOM   170 O O   . CYS A 1 25 ? 3.480   -7.445  -2.022  1.00 85.32  ? 25  CYS A O   1 
ATOM   171 C CB  . CYS A 1 25 ? 0.992   -6.366  -0.727  1.00 94.21  ? 25  CYS A CB  1 
ATOM   172 S SG  . CYS A 1 25 ? -0.163  -7.443  -1.607  1.00 104.22 ? 25  CYS A SG  1 
ATOM   173 N N   . GLN A 1 26 ? 2.794   -9.252  -0.882  1.00 74.60  ? 26  GLN A N   1 
ATOM   174 C CA  . GLN A 1 26 ? 3.505   -10.162 -1.758  1.00 70.79  ? 26  GLN A CA  1 
ATOM   175 C C   . GLN A 1 26 ? 2.538   -10.973 -2.569  1.00 56.62  ? 26  GLN A C   1 
ATOM   176 O O   . GLN A 1 26 ? 1.445   -11.230 -2.150  1.00 86.01  ? 26  GLN A O   1 
ATOM   177 C CB  . GLN A 1 26 ? 4.422   -11.071 -0.968  1.00 94.95  ? 26  GLN A CB  1 
ATOM   178 C CG  . GLN A 1 26 ? 5.590   -11.577 -1.773  1.00 80.68  ? 26  GLN A CG  1 
ATOM   179 C CD  . GLN A 1 26 ? 6.519   -12.448 -0.979  1.00 100.54 ? 26  GLN A CD  1 
ATOM   180 O OE1 . GLN A 1 26 ? 6.747   -12.216 0.190   1.00 92.25  ? 26  GLN A OE1 1 
ATOM   181 N NE2 . GLN A 1 26 ? 7.066   -13.451 -1.621  1.00 105.59 ? 26  GLN A NE2 1 
ATOM   182 N N   . LEU A 1 27 ? 2.959   -11.368 -3.749  1.00 66.95  ? 27  LEU A N   1 
ATOM   183 C CA  . LEU A 1 27 ? 2.103   -12.112 -4.649  1.00 93.69  ? 27  LEU A CA  1 
ATOM   184 C C   . LEU A 1 27 ? 2.694   -13.423 -5.091  1.00 99.58  ? 27  LEU A C   1 
ATOM   185 O O   . LEU A 1 27 ? 3.888   -13.635 -5.018  1.00 82.33  ? 27  LEU A O   1 
ATOM   186 C CB  . LEU A 1 27 ? 1.861   -11.307 -5.900  1.00 81.98  ? 27  LEU A CB  1 
ATOM   187 C CG  . LEU A 1 27 ? 1.543   -9.859  -5.656  1.00 105.31 ? 27  LEU A CG  1 
ATOM   188 C CD1 . LEU A 1 27 ? 1.354   -9.137  -6.960  1.00 61.60  ? 27  LEU A CD1 1 
ATOM   189 C CD2 . LEU A 1 27 ? 0.288   -9.811  -4.834  1.00 88.97  ? 27  LEU A CD2 1 
ATOM   190 N N   . SER A 1 28 ? 1.844   -14.307 -5.587  1.00 104.76 ? 28  SER A N   1 
ATOM   191 C CA  . SER A 1 28 ? 2.312   -15.570 -6.100  1.00 95.12  ? 28  SER A CA  1 
ATOM   192 C C   . SER A 1 28 ? 3.172   -15.276 -7.285  1.00 103.64 ? 28  SER A C   1 
ATOM   193 O O   . SER A 1 28 ? 4.318   -15.665 -7.338  1.00 119.53 ? 28  SER A O   1 
ATOM   194 C CB  . SER A 1 28 ? 1.156   -16.449 -6.546  1.00 84.80  ? 28  SER A CB  1 
ATOM   195 O OG  . SER A 1 28 ? 0.337   -16.822 -5.464  1.00 120.91 ? 28  SER A OG  1 
ATOM   196 N N   . GLN A 1 29 ? 2.600   -14.580 -8.247  1.00 81.14  ? 29  GLN A N   1 
ATOM   197 C CA  . GLN A 1 29 ? 3.287   -14.353 -9.520  1.00 98.00  ? 29  GLN A CA  1 
ATOM   198 C C   . GLN A 1 29 ? 3.694   -12.895 -9.706  1.00 93.51  ? 29  GLN A C   1 
ATOM   199 O O   . GLN A 1 29 ? 3.124   -12.045 -9.082  1.00 60.69  ? 29  GLN A O   1 
ATOM   200 C CB  . GLN A 1 29 ? 2.375   -14.772 -10.651 1.00 113.27 ? 29  GLN A CB  1 
ATOM   201 C CG  . GLN A 1 29 ? 2.160   -16.266 -10.743 1.00 107.47 ? 29  GLN A CG  1 
ATOM   202 C CD  . GLN A 1 29 ? 1.202   -16.648 -11.852 1.00 139.30 ? 29  GLN A CD  1 
ATOM   203 O OE1 . GLN A 1 29 ? 1.432   -16.343 -13.018 1.00 135.49 ? 29  GLN A OE1 1 
ATOM   204 N NE2 . GLN A 1 29 ? 0.119   -17.314 -11.493 1.00 149.43 ? 29  GLN A NE2 1 
ATOM   205 N N   . PRO A 1 30 ? 4.661   -12.569 -10.559 1.00 98.79  ? 30  PRO A N   1 
ATOM   206 C CA  . PRO A 1 30 ? 5.083   -11.164 -10.504 1.00 85.10  ? 30  PRO A CA  1 
ATOM   207 C C   . PRO A 1 30 ? 4.246   -10.217 -11.356 1.00 65.38  ? 30  PRO A C   1 
ATOM   208 O O   . PRO A 1 30 ? 4.005   -10.498 -12.529 1.00 90.89  ? 30  PRO A O   1 
ATOM   209 C CB  . PRO A 1 30 ? 6.490   -11.296 -11.083 1.00 107.96 ? 30  PRO A CB  1 
ATOM   210 C CG  . PRO A 1 30 ? 6.363   -12.328 -12.153 1.00 113.27 ? 30  PRO A CG  1 
ATOM   211 C CD  . PRO A 1 30 ? 5.110   -13.123 -11.896 1.00 117.37 ? 30  PRO A CD  1 
ATOM   212 N N   . GLU A 1 31 ? 3.808   -9.108  -10.767 1.00 64.92  ? 31  GLU A N   1 
ATOM   213 C CA  . GLU A 1 31 ? 2.965   -8.174  -11.468 1.00 80.47  ? 31  GLU A CA  1 
ATOM   214 C C   . GLU A 1 31 ? 3.638   -6.824  -11.477 1.00 74.13  ? 31  GLU A C   1 
ATOM   215 O O   . GLU A 1 31 ? 4.056   -6.335  -10.464 1.00 62.00  ? 31  GLU A O   1 
ATOM   216 C CB  . GLU A 1 31 ? 1.616   -8.072  -10.801 1.00 73.99  ? 31  GLU A CB  1 
ATOM   217 C CG  . GLU A 1 31 ? 0.753   -6.936  -11.310 1.00 89.95  ? 31  GLU A CG  1 
ATOM   218 C CD  . GLU A 1 31 ? 0.522   -6.994  -12.793 1.00 106.41 ? 31  GLU A CD  1 
ATOM   219 O OE1 . GLU A 1 31 ? 1.233   -6.311  -13.529 1.00 103.54 ? 31  GLU A OE1 1 
ATOM   220 O OE2 . GLU A 1 31 ? -0.365  -7.726  -13.229 1.00 104.39 ? 31  GLU A OE2 1 
ATOM   221 N N   . VAL A 1 32 ? 3.760   -6.224  -12.637 1.00 65.61  ? 32  VAL A N   1 
ATOM   222 C CA  . VAL A 1 32 ? 4.579   -5.058  -12.765 1.00 63.68  ? 32  VAL A CA  1 
ATOM   223 C C   . VAL A 1 32 ? 3.823   -3.917  -13.350 1.00 98.05  ? 32  VAL A C   1 
ATOM   224 O O   . VAL A 1 32 ? 4.233   -2.797  -13.231 1.00 54.71  ? 32  VAL A O   1 
ATOM   225 C CB  . VAL A 1 32 ? 5.739   -5.345  -13.709 1.00 96.69  ? 32  VAL A CB  1 
ATOM   226 C CG1 . VAL A 1 32 ? 6.625   -4.136  -13.857 1.00 102.84 ? 32  VAL A CG1 1 
ATOM   227 C CG2 . VAL A 1 32 ? 6.534   -6.530  -13.213 1.00 118.82 ? 32  VAL A CG2 1 
ATOM   228 N N   . ALA A 1 33 ? 2.714   -4.209  -13.991 1.00 52.73  ? 33  ALA A N   1 
ATOM   229 C CA  . ALA A 1 33 ? 2.048   -3.205  -14.762 1.00 69.05  ? 33  ALA A CA  1 
ATOM   230 C C   . ALA A 1 33 ? 0.653   -2.835  -14.346 1.00 66.45  ? 33  ALA A C   1 
ATOM   231 O O   . ALA A 1 33 ? 0.231   -1.753  -14.627 1.00 61.05  ? 33  ALA A O   1 
ATOM   232 C CB  . ALA A 1 33 ? 2.071   -3.596  -16.213 1.00 89.25  ? 33  ALA A CB  1 
ATOM   233 N N   . ALA A 1 34 ? -0.061  -3.714  -13.679 1.00 77.63  ? 34  ALA A N   1 
ATOM   234 C CA  . ALA A 1 34 ? -1.454  -3.451  -13.404 1.00 49.97  ? 34  ALA A CA  1 
ATOM   235 C C   . ALA A 1 34 ? -1.814  -3.169  -11.956 1.00 99.81  ? 34  ALA A C   1 
ATOM   236 O O   . ALA A 1 34 ? -2.899  -3.490  -11.530 1.00 101.57 ? 34  ALA A O   1 
ATOM   237 C CB  . ALA A 1 34 ? -2.279  -4.601  -13.911 1.00 71.47  ? 34  ALA A CB  1 
ATOM   238 N N   . HIS A 1 35 ? -0.975  -2.473  -11.238 1.00 70.79  ? 35  HIS A N   1 
ATOM   239 C CA  . HIS A 1 35 ? -1.240  -2.289  -9.850  1.00 83.97  ? 35  HIS A CA  1 
ATOM   240 C C   . HIS A 1 35 ? -1.539  -0.867  -9.566  1.00 87.37  ? 35  HIS A C   1 
ATOM   241 O O   . HIS A 1 35 ? -1.038  0.003   -10.205 1.00 84.36  ? 35  HIS A O   1 
ATOM   242 C CB  . HIS A 1 35 ? -0.032  -2.716  -9.044  1.00 64.26  ? 35  HIS A CB  1 
ATOM   243 C CG  . HIS A 1 35 ? 1.254   -2.241  -9.606  1.00 66.63  ? 35  HIS A CG  1 
ATOM   244 N ND1 . HIS A 1 35 ? 1.998   -1.256  -9.013  1.00 77.97  ? 35  HIS A ND1 1 
ATOM   245 C CD2 . HIS A 1 35 ? 1.936   -2.616  -10.705 1.00 87.26  ? 35  HIS A CD2 1 
ATOM   246 C CE1 . HIS A 1 35 ? 3.083   -1.039  -9.725  1.00 92.00  ? 35  HIS A CE1 1 
ATOM   247 N NE2 . HIS A 1 35 ? 3.066   -1.848  -10.762 1.00 92.36  ? 35  HIS A NE2 1 
ATOM   248 N N   . THR A 1 36 ? -2.359  -0.626  -8.577  1.00 49.98  ? 36  THR A N   1 
ATOM   249 C CA  . THR A 1 36 ? -2.462  0.706   -8.051  1.00 87.30  ? 36  THR A CA  1 
ATOM   250 C C   . THR A 1 36 ? -2.818  0.685   -6.594  1.00 73.47  ? 36  THR A C   1 
ATOM   251 O O   . THR A 1 36 ? -3.497  -0.191  -6.141  1.00 62.17  ? 36  THR A O   1 
ATOM   252 C CB  . THR A 1 36 ? -3.458  1.559   -8.832  1.00 104.43 ? 36  THR A CB  1 
ATOM   253 O OG1 . THR A 1 36 ? -3.031  1.667   -10.175 1.00 127.70 ? 36  THR A OG1 1 
ATOM   254 C CG2 . THR A 1 36 ? -3.550  2.901   -8.268  1.00 125.40 ? 36  THR A CG2 1 
ATOM   255 N N   . TRP A 1 37 ? -2.324  1.666   -5.869  1.00 53.86  ? 37  TRP A N   1 
ATOM   256 C CA  . TRP A 1 37 ? -2.554  1.766   -4.463  1.00 37.54  ? 37  TRP A CA  1 
ATOM   257 C C   . TRP A 1 37 ? -3.660  2.733   -4.232  1.00 46.01  ? 37  TRP A C   1 
ATOM   258 O O   . TRP A 1 37 ? -3.813  3.651   -4.977  1.00 60.11  ? 37  TRP A O   1 
ATOM   259 C CB  . TRP A 1 37 ? -1.307  2.266   -3.776  1.00 31.63  ? 37  TRP A CB  1 
ATOM   260 C CG  . TRP A 1 37 ? -0.268  1.269   -3.644  1.00 57.49  ? 37  TRP A CG  1 
ATOM   261 C CD1 . TRP A 1 37 ? 0.741   1.062   -4.475  1.00 50.99  ? 37  TRP A CD1 1 
ATOM   262 C CD2 . TRP A 1 37 ? -0.125  0.327   -2.604  1.00 52.54  ? 37  TRP A CD2 1 
ATOM   263 N NE1 . TRP A 1 37 ? 1.514   0.052   -4.046  1.00 62.36  ? 37  TRP A NE1 1 
ATOM   264 C CE2 . TRP A 1 37 ? 0.996   -0.421  -2.884  1.00 75.86  ? 37  TRP A CE2 1 
ATOM   265 C CE3 . TRP A 1 37 ? -0.841  0.044   -1.463  1.00 46.85  ? 37  TRP A CE3 1 
ATOM   266 C CZ2 . TRP A 1 37 ? 1.421   -1.429  -2.073  1.00 89.61  ? 37  TRP A CZ2 1 
ATOM   267 C CZ3 . TRP A 1 37 ? -0.426  -0.951  -0.677  1.00 77.01  ? 37  TRP A CZ3 1 
ATOM   268 C CH2 . TRP A 1 37 ? 0.691   -1.677  -0.971  1.00 55.17  ? 37  TRP A CH2 1 
ATOM   269 N N   . LEU A 1 38 ? -4.440  2.524   -3.192  1.00 51.99  ? 38  LEU A N   1 
ATOM   270 C CA  . LEU A 1 38 ? -5.512  3.432   -2.905  1.00 48.30  ? 38  LEU A CA  1 
ATOM   271 C C   . LEU A 1 38 ? -5.648  3.779   -1.445  1.00 82.00  ? 38  LEU A C   1 
ATOM   272 O O   . LEU A 1 38 ? -5.522  2.941   -0.570  1.00 49.78  ? 38  LEU A O   1 
ATOM   273 C CB  . LEU A 1 38 ? -6.819  2.865   -3.403  1.00 63.04  ? 38  LEU A CB  1 
ATOM   274 C CG  . LEU A 1 38 ? -7.157  3.305   -4.801  1.00 82.18  ? 38  LEU A CG  1 
ATOM   275 C CD1 . LEU A 1 38 ? -6.224  2.636   -5.766  1.00 67.53  ? 38  LEU A CD1 1 
ATOM   276 C CD2 . LEU A 1 38 ? -8.572  2.938   -5.126  1.00 89.10  ? 38  LEU A CD2 1 
ATOM   277 N N   . LEU A 1 39 ? -5.938  5.043   -1.199  1.00 70.94  ? 39  LEU A N   1 
ATOM   278 C CA  . LEU A 1 39 ? -6.202  5.501   0.126   1.00 87.33  ? 39  LEU A CA  1 
ATOM   279 C C   . LEU A 1 39 ? -7.647  5.856   0.111   1.00 80.16  ? 39  LEU A C   1 
ATOM   280 O O   . LEU A 1 39 ? -8.049  6.747   -0.579  1.00 58.93  ? 39  LEU A O   1 
ATOM   281 C CB  . LEU A 1 39 ? -5.389  6.743   0.381   1.00 81.67  ? 39  LEU A CB  1 
ATOM   282 C CG  . LEU A 1 39 ? -3.935  6.602   0.740   1.00 71.81  ? 39  LEU A CG  1 
ATOM   283 C CD1 . LEU A 1 39 ? -3.347  5.330   0.197   1.00 87.70  ? 39  LEU A CD1 1 
ATOM   284 C CD2 . LEU A 1 39 ? -3.214  7.807   0.211   1.00 49.72  ? 39  LEU A CD2 1 
ATOM   285 N N   . ASP A 1 40 ? -8.385  5.141   0.929   1.00 65.13  ? 40  ASP A N   1 
ATOM   286 C CA  . ASP A 1 40 ? -9.814  5.191   0.863   1.00 68.07  ? 40  ASP A CA  1 
ATOM   287 C C   . ASP A 1 40 ? -10.053 4.812   -0.579  1.00 92.14  ? 40  ASP A C   1 
ATOM   288 O O   . ASP A 1 40 ? -9.636  3.752   -0.983  1.00 78.84  ? 40  ASP A O   1 
ATOM   289 C CB  . ASP A 1 40 ? -10.312 6.561   1.237   1.00 79.82  ? 40  ASP A CB  1 
ATOM   290 C CG  . ASP A 1 40 ? -10.575 6.687   2.707   1.00 102.89 ? 40  ASP A CG  1 
ATOM   291 O OD1 . ASP A 1 40 ? -10.805 5.670   3.345   1.00 85.56  ? 40  ASP A OD1 1 
ATOM   292 O OD2 . ASP A 1 40 ? -10.550 7.792   3.244   1.00 118.12 ? 40  ASP A OD2 1 
ATOM   293 N N   . ASP A 1 41 ? -10.662 5.677   -1.368  1.00 87.49  ? 41  ASP A N   1 
ATOM   294 C CA  . ASP A 1 41 ? -10.826 5.374   -2.776  1.00 95.13  ? 41  ASP A CA  1 
ATOM   295 C C   . ASP A 1 41 ? -10.097 6.193   -3.807  1.00 101.46 ? 41  ASP A C   1 
ATOM   296 O O   . ASP A 1 41 ? -10.356 6.054   -4.982  1.00 92.93  ? 41  ASP A O   1 
ATOM   297 C CB  . ASP A 1 41 ? -12.316 5.412   -3.027  1.00 108.50 ? 41  ASP A CB  1 
ATOM   298 C CG  . ASP A 1 41 ? -13.040 4.285   -2.350  1.00 122.37 ? 41  ASP A CG  1 
ATOM   299 O OD1 . ASP A 1 41 ? -13.087 3.173   -2.899  1.00 116.14 ? 41  ASP A OD1 1 
ATOM   300 O OD2 . ASP A 1 41 ? -13.566 4.507   -1.255  1.00 126.65 ? 41  ASP A OD2 1 
ATOM   301 N N   . GLU A 1 42 ? -9.168  7.026   -3.371  1.00 88.85  ? 42  GLU A N   1 
ATOM   302 C CA  . GLU A 1 42 ? -8.396  7.898   -4.226  1.00 77.56  ? 42  GLU A CA  1 
ATOM   303 C C   . GLU A 1 42 ? -7.076  7.262   -4.505  1.00 83.79  ? 42  GLU A C   1 
ATOM   304 O O   . GLU A 1 42 ? -6.393  6.866   -3.595  1.00 60.40  ? 42  GLU A O   1 
ATOM   305 C CB  . GLU A 1 42 ? -8.160  9.226   -3.535  1.00 78.08  ? 42  GLU A CB  1 
ATOM   306 C CG  . GLU A 1 42 ? -8.571  10.430  -4.357  1.00 121.00 ? 42  GLU A CG  1 
ATOM   307 C CD  . GLU A 1 42 ? -9.129  11.546  -3.508  1.00 159.42 ? 42  GLU A CD  1 
ATOM   308 O OE1 . GLU A 1 42 ? -8.334  12.231  -2.836  1.00 177.83 ? 42  GLU A OE1 1 
ATOM   309 O OE2 . GLU A 1 42 ? -10.363 11.731  -3.507  1.00 164.53 ? 42  GLU A OE2 1 
ATOM   310 N N   . PRO A 1 43 ? -6.662  7.145   -5.744  1.00 87.26  ? 43  PRO A N   1 
ATOM   311 C CA  . PRO A 1 43 ? -5.390  6.489   -5.984  1.00 66.04  ? 43  PRO A CA  1 
ATOM   312 C C   . PRO A 1 43 ? -4.244  7.325   -5.536  1.00 84.24  ? 43  PRO A C   1 
ATOM   313 O O   . PRO A 1 43 ? -4.299  8.525   -5.567  1.00 54.73  ? 43  PRO A O   1 
ATOM   314 C CB  . PRO A 1 43 ? -5.357  6.340   -7.479  1.00 54.96  ? 43  PRO A CB  1 
ATOM   315 C CG  . PRO A 1 43 ? -6.763  6.335   -7.863  1.00 80.84  ? 43  PRO A CG  1 
ATOM   316 C CD  . PRO A 1 43 ? -7.384  7.346   -6.992  1.00 51.24  ? 43  PRO A CD  1 
ATOM   317 N N   . VAL A 1 44 ? -3.192  6.665   -5.125  1.00 59.70  ? 44  VAL A N   1 
ATOM   318 C CA  . VAL A 1 44 ? -2.026  7.337   -4.684  1.00 68.63  ? 44  VAL A CA  1 
ATOM   319 C C   . VAL A 1 44 ? -1.439  8.092   -5.824  1.00 59.86  ? 44  VAL A C   1 
ATOM   320 O O   . VAL A 1 44 ? -1.233  7.572   -6.883  1.00 51.38  ? 44  VAL A O   1 
ATOM   321 C CB  . VAL A 1 44 ? -1.020  6.327   -4.170  1.00 56.41  ? 44  VAL A CB  1 
ATOM   322 C CG1 . VAL A 1 44 ? 0.271   6.999   -3.819  1.00 49.31  ? 44  VAL A CG1 1 
ATOM   323 C CG2 . VAL A 1 44 ? -1.581  5.639   -2.962  1.00 53.35  ? 44  VAL A CG2 1 
ATOM   324 N N   . ARG A 1 45 ? -1.142  9.341   -5.528  1.00 57.47  ? 45  ARG A N   1 
ATOM   325 C CA  . ARG A 1 45 ? -0.369  10.212  -6.360  1.00 84.71  ? 45  ARG A CA  1 
ATOM   326 C C   . ARG A 1 45 ? 1.023   10.178  -5.823  1.00 70.41  ? 45  ARG A C   1 
ATOM   327 O O   . ARG A 1 45 ? 1.263   10.623  -4.741  1.00 79.70  ? 45  ARG A O   1 
ATOM   328 C CB  . ARG A 1 45 ? -0.872  11.636  -6.210  1.00 87.24  ? 45  ARG A CB  1 
ATOM   329 C CG  . ARG A 1 45 ? -1.650  12.157  -7.395  1.00 98.25  ? 45  ARG A CG  1 
ATOM   330 C CD  . ARG A 1 45 ? -3.082  11.713  -7.297  1.00 96.63  ? 45  ARG A CD  1 
ATOM   331 N NE  . ARG A 1 45 ? -3.944  12.461  -8.185  1.00 117.01 ? 45  ARG A NE  1 
ATOM   332 C CZ  . ARG A 1 45 ? -5.173  12.076  -8.496  1.00 132.59 ? 45  ARG A CZ  1 
ATOM   333 N NH1 . ARG A 1 45 ? -5.648  10.957  -7.979  1.00 128.55 ? 45  ARG A NH1 1 
ATOM   334 N NH2 . ARG A 1 45 ? -5.927  12.799  -9.316  1.00 119.36 ? 45  ARG A NH2 1 
ATOM   335 N N   . THR A 1 46 ? 1.954   9.655   -6.586  1.00 83.80  ? 46  THR A N   1 
ATOM   336 C CA  . THR A 1 46 ? 3.325   9.651   -6.148  1.00 59.07  ? 46  THR A CA  1 
ATOM   337 C C   . THR A 1 46 ? 3.691   11.044  -5.728  1.00 87.92  ? 46  THR A C   1 
ATOM   338 O O   . THR A 1 46 ? 3.379   11.999  -6.384  1.00 85.39  ? 46  THR A O   1 
ATOM   339 C CB  . THR A 1 46 ? 4.258   8.989   -7.182  1.00 89.27  ? 46  THR A CB  1 
ATOM   340 O OG1 . THR A 1 46 ? 5.598   9.145   -6.749  1.00 101.21 ? 46  THR A OG1 1 
ATOM   341 C CG2 . THR A 1 46 ? 4.174   9.547   -8.567  1.00 122.99 ? 46  THR A CG2 1 
ATOM   342 N N   . SER A 1 47 ? 4.374   11.144  -4.593  1.00 60.84  ? 47  SER A N   1 
ATOM   343 C CA  . SER A 1 47 ? 4.797   12.435  -4.062  1.00 64.93  ? 47  SER A CA  1 
ATOM   344 C C   . SER A 1 47 ? 5.788   12.261  -2.917  1.00 85.37  ? 47  SER A C   1 
ATOM   345 O O   . SER A 1 47 ? 5.800   11.230  -2.243  1.00 90.48  ? 47  SER A O   1 
ATOM   346 C CB  . SER A 1 47 ? 3.586   13.243  -3.592  1.00 76.68  ? 47  SER A CB  1 
ATOM   347 O OG  . SER A 1 47 ? 3.987   14.362  -2.822  1.00 84.46  ? 47  SER A OG  1 
ATOM   348 N N   . GLU A 1 48 ? 6.619   13.276  -2.701  1.00 79.89  ? 48  GLU A N   1 
ATOM   349 C CA  . GLU A 1 48 ? 7.618   13.232  -1.641  1.00 103.61 ? 48  GLU A CA  1 
ATOM   350 C C   . GLU A 1 48 ? 7.014   12.700  -0.345  1.00 114.48 ? 48  GLU A C   1 
ATOM   351 O O   . GLU A 1 48 ? 7.729   12.203  0.525   1.00 101.49 ? 48  GLU A O   1 
ATOM   352 C CB  . GLU A 1 48 ? 8.203   14.626  -1.407  1.00 126.58 ? 48  GLU A CB  1 
ATOM   353 C CG  . GLU A 1 48 ? 9.016   15.159  -2.576  1.00 144.24 ? 48  GLU A CG  1 
ATOM   354 C CD  . GLU A 1 48 ? 10.147  14.229  -2.972  1.00 161.81 ? 48  GLU A CD  1 
ATOM   355 O OE1 . GLU A 1 48 ? 10.812  13.682  -2.068  1.00 175.82 ? 48  GLU A OE1 1 
ATOM   356 O OE2 . GLU A 1 48 ? 10.369  14.046  -4.187  1.00 168.97 ? 48  GLU A OE2 1 
ATOM   357 N N   . ASN A 1 49 ? 5.695   12.809  -0.222  1.00 129.88 ? 49  ASN A N   1 
ATOM   358 C CA  . ASN A 1 49 ? 4.996   12.356  0.975   1.00 101.21 ? 49  ASN A CA  1 
ATOM   359 C C   . ASN A 1 49 ? 4.414   10.956  0.808   1.00 103.59 ? 49  ASN A C   1 
ATOM   360 O O   . ASN A 1 49 ? 3.910   10.366  1.763   1.00 89.71  ? 49  ASN A O   1 
ATOM   361 C CB  . ASN A 1 49 ? 3.890   13.343  1.355   1.00 95.93  ? 49  ASN A CB  1 
ATOM   362 C CG  . ASN A 1 49 ? 4.236   14.160  2.586   1.00 124.75 ? 49  ASN A CG  1 
ATOM   363 O OD1 . ASN A 1 49 ? 5.310   14.005  3.165   1.00 132.09 ? 49  ASN A OD1 1 
ATOM   364 N ND2 . ASN A 1 49 ? 3.322   15.034  2.990   1.00 139.78 ? 49  ASN A ND2 1 
ATOM   365 N N   . ALA A 1 50 ? 4.489   10.432  -0.411  1.00 109.02 ? 50  ALA A N   1 
ATOM   366 C CA  . ALA A 1 50 ? 3.977   9.120   -0.701  1.00 87.37  ? 50  ALA A CA  1 
ATOM   367 C C   . ALA A 1 50 ? 4.814   8.488   -1.761  1.00 78.51  ? 50  ALA A C   1 
ATOM   368 O O   . ALA A 1 50 ? 4.987   9.016   -2.825  1.00 69.48  ? 50  ALA A O   1 
ATOM   369 C CB  . ALA A 1 50 ? 2.552   9.202   -1.159  1.00 109.93 ? 50  ALA A CB  1 
ATOM   370 N N   . GLU A 1 51 ? 5.336   7.310   -1.481  1.00 91.28  ? 51  GLU A N   1 
ATOM   371 C CA  . GLU A 1 51 ? 6.235   6.646   -2.395  1.00 66.90  ? 51  GLU A CA  1 
ATOM   372 C C   . GLU A 1 51 ? 5.787   5.234   -2.676  1.00 70.17  ? 51  GLU A C   1 
ATOM   373 O O   . GLU A 1 51 ? 5.258   4.569   -1.828  1.00 72.93  ? 51  GLU A O   1 
ATOM   374 C CB  . GLU A 1 51 ? 7.635   6.639   -1.808  1.00 79.25  ? 51  GLU A CB  1 
ATOM   375 C CG  . GLU A 1 51 ? 8.749   6.359   -2.790  1.00 84.34  ? 51  GLU A CG  1 
ATOM   376 C CD  . GLU A 1 51 ? 10.099  6.410   -2.129  1.00 101.36 ? 51  GLU A CD  1 
ATOM   377 O OE1 . GLU A 1 51 ? 11.049  5.842   -2.682  1.00 117.62 ? 51  GLU A OE1 1 
ATOM   378 O OE2 . GLU A 1 51 ? 10.215  7.017   -1.054  1.00 89.79  ? 51  GLU A OE2 1 
ATOM   379 N N   . VAL A 1 52 ? 5.989   4.792   -3.896  1.00 60.11  ? 52  VAL A N   1 
ATOM   380 C CA  . VAL A 1 52 ? 5.506   3.514   -4.306  1.00 52.91  ? 52  VAL A CA  1 
ATOM   381 C C   . VAL A 1 52 ? 6.635   2.803   -4.982  1.00 47.86  ? 52  VAL A C   1 
ATOM   382 O O   . VAL A 1 52 ? 7.339   3.369   -5.768  1.00 52.85  ? 52  VAL A O   1 
ATOM   383 C CB  . VAL A 1 52 ? 4.327   3.673   -5.263  1.00 93.26  ? 52  VAL A CB  1 
ATOM   384 C CG1 . VAL A 1 52 ? 3.836   2.336   -5.747  1.00 72.86  ? 52  VAL A CG1 1 
ATOM   385 C CG2 . VAL A 1 52 ? 3.202   4.413   -4.593  1.00 46.68  ? 52  VAL A CG2 1 
ATOM   386 N N   . VAL A 1 53 ? 6.822   1.550   -4.641  1.00 91.23  ? 53  VAL A N   1 
ATOM   387 C CA  . VAL A 1 53 ? 7.872   0.759   -5.229  1.00 49.79  ? 53  VAL A CA  1 
ATOM   388 C C   . VAL A 1 53 ? 7.504   -0.697  -5.233  1.00 73.86  ? 53  VAL A C   1 
ATOM   389 O O   . VAL A 1 53 ? 6.562   -1.090  -4.599  1.00 56.59  ? 53  VAL A O   1 
ATOM   390 C CB  . VAL A 1 53 ? 9.190   0.922   -4.475  1.00 81.07  ? 53  VAL A CB  1 
ATOM   391 C CG1 . VAL A 1 53 ? 9.537   2.378   -4.353  1.00 67.44  ? 53  VAL A CG1 1 
ATOM   392 C CG2 . VAL A 1 53 ? 9.124   0.284   -3.103  1.00 58.61  ? 53  VAL A CG2 1 
ATOM   393 N N   . PHE A 1 54 ? 8.287   -1.494  -5.942  1.00 65.42  ? 54  PHE A N   1 
ATOM   394 C CA  . PHE A 1 54 ? 8.195   -2.933  -5.863  1.00 60.36  ? 54  PHE A CA  1 
ATOM   395 C C   . PHE A 1 54 ? 9.549   -3.566  -5.990  1.00 61.87  ? 54  PHE A C   1 
ATOM   396 O O   . PHE A 1 54 ? 10.478  -2.953  -6.430  1.00 52.92  ? 54  PHE A O   1 
ATOM   397 C CB  . PHE A 1 54 ? 7.264   -3.498  -6.919  1.00 91.53  ? 54  PHE A CB  1 
ATOM   398 C CG  . PHE A 1 54 ? 7.678   -3.204  -8.313  1.00 50.10  ? 54  PHE A CG  1 
ATOM   399 C CD1 . PHE A 1 54 ? 8.818   -3.728  -8.828  1.00 52.14  ? 54  PHE A CD1 1 
ATOM   400 C CD2 . PHE A 1 54 ? 6.909   -2.408  -9.095  1.00 76.37  ? 54  PHE A CD2 1 
ATOM   401 C CE1 . PHE A 1 54 ? 9.194   -3.452  -10.108 1.00 92.16  ? 54  PHE A CE1 1 
ATOM   402 C CE2 . PHE A 1 54 ? 7.274   -2.120  -10.374 1.00 81.50  ? 54  PHE A CE2 1 
ATOM   403 C CZ  . PHE A 1 54 ? 8.420   -2.647  -10.885 1.00 82.53  ? 54  PHE A CZ  1 
ATOM   404 N N   . PHE A 1 55 ? 9.641   -4.816  -5.595  1.00 51.79  ? 55  PHE A N   1 
ATOM   405 C CA  . PHE A 1 55 ? 10.897  -5.519  -5.602  1.00 67.98  ? 55  PHE A CA  1 
ATOM   406 C C   . PHE A 1 55 ? 10.771  -6.843  -6.281  1.00 66.43  ? 55  PHE A C   1 
ATOM   407 O O   . PHE A 1 55 ? 9.698   -7.336  -6.470  1.00 91.59  ? 55  PHE A O   1 
ATOM   408 C CB  . PHE A 1 55 ? 11.335  -5.825  -4.195  1.00 78.88  ? 55  PHE A CB  1 
ATOM   409 C CG  . PHE A 1 55 ? 11.603  -4.633  -3.374  1.00 83.56  ? 55  PHE A CG  1 
ATOM   410 C CD1 . PHE A 1 55 ? 12.255  -3.573  -3.903  1.00 85.82  ? 55  PHE A CD1 1 
ATOM   411 C CD2 . PHE A 1 55 ? 11.220  -4.595  -2.066  1.00 86.02  ? 55  PHE A CD2 1 
ATOM   412 C CE1 . PHE A 1 55 ? 12.512  -2.469  -3.149  1.00 100.88 ? 55  PHE A CE1 1 
ATOM   413 C CE2 . PHE A 1 55 ? 11.471  -3.503  -1.301  1.00 78.05  ? 55  PHE A CE2 1 
ATOM   414 C CZ  . PHE A 1 55 ? 12.115  -2.432  -1.842  1.00 89.78  ? 55  PHE A CZ  1 
ATOM   415 N N   . GLU A 1 56 ? 11.894  -7.437  -6.603  1.00 80.05  ? 56  GLU A N   1 
ATOM   416 C CA  . GLU A 1 56 ? 11.905  -8.785  -7.089  1.00 88.40  ? 56  GLU A CA  1 
ATOM   417 C C   . GLU A 1 56 ? 10.991  -8.894  -8.260  1.00 77.41  ? 56  GLU A C   1 
ATOM   418 O O   . GLU A 1 56 ? 10.298  -9.863  -8.430  1.00 76.38  ? 56  GLU A O   1 
ATOM   419 C CB  . GLU A 1 56 ? 11.467  -9.731  -5.987  1.00 89.86  ? 56  GLU A CB  1 
ATOM   420 C CG  . GLU A 1 56 ? 12.605  -10.187 -5.088  1.00 101.26 ? 56  GLU A CG  1 
ATOM   421 C CD  . GLU A 1 56 ? 12.156  -11.053 -3.936  1.00 113.67 ? 56  GLU A CD  1 
ATOM   422 O OE1 . GLU A 1 56 ? 11.307  -11.938 -4.129  1.00 121.28 ? 56  GLU A OE1 1 
ATOM   423 O OE2 . GLU A 1 56 ? 12.665  -10.856 -2.829  1.00 123.47 ? 56  GLU A OE2 1 
ATOM   424 N N   . ASN A 1 57 ? 10.994  -7.869  -9.075  1.00 72.84  ? 57  ASN A N   1 
ATOM   425 C CA  . ASN A 1 57 ? 10.239  -7.893  -10.288 1.00 70.69  ? 57  ASN A CA  1 
ATOM   426 C C   . ASN A 1 57 ? 8.761   -8.024  -10.077 1.00 78.54  ? 57  ASN A C   1 
ATOM   427 O O   . ASN A 1 57 ? 8.075   -8.622  -10.870 1.00 93.70  ? 57  ASN A O   1 
ATOM   428 C CB  . ASN A 1 57 ? 10.731  -9.030  -11.146 1.00 81.41  ? 57  ASN A CB  1 
ATOM   429 C CG  . ASN A 1 57 ? 12.198  -8.947  -11.396 1.00 107.21 ? 57  ASN A CG  1 
ATOM   430 O OD1 . ASN A 1 57 ? 12.822  -7.940  -11.091 1.00 127.65 ? 57  ASN A OD1 1 
ATOM   431 N ND2 . ASN A 1 57 ? 12.765  -10.000 -11.941 1.00 104.78 ? 57  ASN A ND2 1 
ATOM   432 N N   . GLY A 1 58 ? 8.250   -7.443  -9.016  1.00 94.81  ? 58  GLY A N   1 
ATOM   433 C CA  . GLY A 1 58 ? 6.818   -7.415  -8.846  1.00 68.45  ? 58  GLY A CA  1 
ATOM   434 C C   . GLY A 1 58 ? 6.280   -8.490  -7.955  1.00 73.86  ? 58  GLY A C   1 
ATOM   435 O O   . GLY A 1 58 ? 5.107   -8.634  -7.793  1.00 77.46  ? 58  GLY A O   1 
ATOM   436 N N   . LEU A 1 59 ? 7.161   -9.187  -7.285  1.00 60.36  ? 59  LEU A N   1 
ATOM   437 C CA  . LEU A 1 59 ? 6.695   -10.132 -6.304  1.00 85.44  ? 59  LEU A CA  1 
ATOM   438 C C   . LEU A 1 59 ? 6.271   -9.394  -5.046  1.00 75.48  ? 59  LEU A C   1 
ATOM   439 O O   . LEU A 1 59 ? 5.349   -9.786  -4.375  1.00 59.54  ? 59  LEU A O   1 
ATOM   440 C CB  . LEU A 1 59 ? 7.770   -11.169 -5.997  1.00 71.88  ? 59  LEU A CB  1 
ATOM   441 C CG  . LEU A 1 59 ? 8.100   -12.188 -7.079  1.00 82.22  ? 59  LEU A CG  1 
ATOM   442 C CD1 . LEU A 1 59 ? 9.388   -12.916 -6.780  1.00 83.35  ? 59  LEU A CD1 1 
ATOM   443 C CD2 . LEU A 1 59 ? 6.966   -13.160 -7.270  1.00 81.54  ? 59  LEU A CD2 1 
ATOM   444 N N   . ARG A 1 60 ? 6.960   -8.314  -4.729  1.00 75.16  ? 60  ARG A N   1 
ATOM   445 C CA  . ARG A 1 60 ? 6.637   -7.540  -3.552  1.00 99.12  ? 60  ARG A CA  1 
ATOM   446 C C   . ARG A 1 60 ? 6.308   -6.103  -3.851  1.00 68.11  ? 60  ARG A C   1 
ATOM   447 O O   . ARG A 1 60 ? 6.982   -5.448  -4.602  1.00 87.35  ? 60  ARG A O   1 
ATOM   448 C CB  . ARG A 1 60 ? 7.799   -7.559  -2.588  1.00 106.62 ? 60  ARG A CB  1 
ATOM   449 C CG  . ARG A 1 60 ? 8.546   -8.860  -2.576  1.00 125.25 ? 60  ARG A CG  1 
ATOM   450 C CD  . ARG A 1 60 ? 8.982   -9.182  -1.174  1.00 105.39 ? 60  ARG A CD  1 
ATOM   451 N NE  . ARG A 1 60 ? 10.346  -8.769  -0.956  1.00 96.37  ? 60  ARG A NE  1 
ATOM   452 C CZ  . ARG A 1 60 ? 10.677  -7.791  -0.145  1.00 95.20  ? 60  ARG A CZ  1 
ATOM   453 N NH1 . ARG A 1 60 ? 11.943  -7.468  0.014   1.00 96.75  ? 60  ARG A NH1 1 
ATOM   454 N NH2 . ARG A 1 60 ? 9.729   -7.143  0.505   1.00 111.06 ? 60  ARG A NH2 1 
ATOM   455 N N   . HIS A 1 61 ? 5.269   -5.615  -3.217  1.00 78.90  ? 61  HIS A N   1 
ATOM   456 C CA  . HIS A 1 61 ? 4.844   -4.245  -3.383  1.00 86.91  ? 61  HIS A CA  1 
ATOM   457 C C   . HIS A 1 61 ? 4.801   -3.467  -2.082  1.00 79.75  ? 61  HIS A C   1 
ATOM   458 O O   . HIS A 1 61 ? 4.421   -3.982  -1.068  1.00 76.34  ? 61  HIS A O   1 
ATOM   459 C CB  . HIS A 1 61 ? 3.503   -4.228  -4.069  1.00 60.81  ? 61  HIS A CB  1 
ATOM   460 C CG  . HIS A 1 61 ? 3.591   -4.600  -5.503  1.00 74.34  ? 61  HIS A CG  1 
ATOM   461 N ND1 . HIS A 1 61 ? 3.751   -3.671  -6.496  1.00 85.26  ? 61  HIS A ND1 1 
ATOM   462 C CD2 . HIS A 1 61 ? 3.596   -5.802  -6.109  1.00 78.31  ? 61  HIS A CD2 1 
ATOM   463 C CE1 . HIS A 1 61 ? 3.830   -4.283  -7.655  1.00 58.32  ? 61  HIS A CE1 1 
ATOM   464 N NE2 . HIS A 1 61 ? 3.734   -5.576  -7.447  1.00 72.51  ? 61  HIS A NE2 1 
ATOM   465 N N   . LEU A 1 62 ? 5.192   -2.210  -2.136  1.00 53.42  ? 62  LEU A N   1 
ATOM   466 C CA  . LEU A 1 62 ? 5.322   -1.415  -0.955  1.00 57.94  ? 62  LEU A CA  1 
ATOM   467 C C   . LEU A 1 62 ? 4.735   -0.077  -1.149  1.00 55.59  ? 62  LEU A C   1 
ATOM   468 O O   . LEU A 1 62 ? 4.798   0.460   -2.205  1.00 61.21  ? 62  LEU A O   1 
ATOM   469 C CB  . LEU A 1 62 ? 6.778   -1.234  -0.629  1.00 40.85  ? 62  LEU A CB  1 
ATOM   470 C CG  . LEU A 1 62 ? 7.342   -2.388  0.144   1.00 104.68 ? 62  LEU A CG  1 
ATOM   471 C CD1 . LEU A 1 62 ? 7.060   -3.653  -0.613  1.00 99.88  ? 62  LEU A CD1 1 
ATOM   472 C CD2 . LEU A 1 62 ? 8.817   -2.214  0.401   1.00 72.54  ? 62  LEU A CD2 1 
ATOM   473 N N   . LEU A 1 63 ? 4.186   0.466   -0.082  1.00 62.55  ? 63  LEU A N   1 
ATOM   474 C CA  . LEU A 1 63 ? 3.726   1.818   -0.063  1.00 52.18  ? 63  LEU A CA  1 
ATOM   475 C C   . LEU A 1 63 ? 4.270   2.503   1.166   1.00 79.25  ? 63  LEU A C   1 
ATOM   476 O O   . LEU A 1 63 ? 4.194   1.990   2.249   1.00 52.28  ? 63  LEU A O   1 
ATOM   477 C CB  . LEU A 1 63 ? 2.217   1.865   -0.068  1.00 48.68  ? 63  LEU A CB  1 
ATOM   478 C CG  . LEU A 1 63 ? 1.628   3.247   0.095   1.00 87.32  ? 63  LEU A CG  1 
ATOM   479 C CD1 . LEU A 1 63 ? 2.115   4.178   -0.980  1.00 58.57  ? 63  LEU A CD1 1 
ATOM   480 C CD2 . LEU A 1 63 ? 0.130   3.179   0.094   1.00 57.82  ? 63  LEU A CD2 1 
ATOM   481 N N   . LEU A 1 64 ? 4.831   3.678   0.977   1.00 58.48  ? 64  LEU A N   1 
ATOM   482 C CA  . LEU A 1 64 ? 5.387   4.431   2.062   1.00 59.64  ? 64  LEU A CA  1 
ATOM   483 C C   . LEU A 1 64 ? 4.713   5.765   2.113   1.00 59.41  ? 64  LEU A C   1 
ATOM   484 O O   . LEU A 1 64 ? 4.698   6.466   1.144   1.00 68.80  ? 64  LEU A O   1 
ATOM   485 C CB  . LEU A 1 64 ? 6.867   4.621   1.834   1.00 54.48  ? 64  LEU A CB  1 
ATOM   486 C CG  . LEU A 1 64 ? 7.597   5.551   2.776   1.00 64.54  ? 64  LEU A CG  1 
ATOM   487 C CD1 . LEU A 1 64 ? 7.250   5.190   4.195   1.00 93.58  ? 64  LEU A CD1 1 
ATOM   488 C CD2 . LEU A 1 64 ? 9.080   5.437   2.568   1.00 63.90  ? 64  LEU A CD2 1 
ATOM   489 N N   . LEU A 1 65 ? 4.149   6.106   3.253   1.00 62.83  ? 65  LEU A N   1 
ATOM   490 C CA  . LEU A 1 65 ? 3.486   7.397   3.400   1.00 55.80  ? 65  LEU A CA  1 
ATOM   491 C C   . LEU A 1 65 ? 4.197   8.217   4.467   1.00 51.01  ? 65  LEU A C   1 
ATOM   492 O O   . LEU A 1 65 ? 4.303   7.774   5.601   1.00 78.68  ? 65  LEU A O   1 
ATOM   493 C CB  . LEU A 1 65 ? 2.016   7.198   3.755   1.00 69.57  ? 65  LEU A CB  1 
ATOM   494 C CG  . LEU A 1 65 ? 1.209   6.257   2.853   1.00 77.52  ? 65  LEU A CG  1 
ATOM   495 C CD1 . LEU A 1 65 ? -0.056  5.818   3.563   1.00 63.27  ? 65  LEU A CD1 1 
ATOM   496 C CD2 . LEU A 1 65 ? 0.857   6.878   1.500   1.00 77.45  ? 65  LEU A CD2 1 
ATOM   497 N N   . LYS A 1 66 ? 4.592   9.430   4.149   1.00 83.89  ? 66  LYS A N   1 
ATOM   498 C CA  . LYS A 1 66 ? 5.341   10.243  5.080   1.00 94.23  ? 66  LYS A CA  1 
ATOM   499 C C   . LYS A 1 66 ? 4.623   11.465  5.636   1.00 104.31 ? 66  LYS A C   1 
ATOM   500 O O   . LYS A 1 66 ? 3.923   12.168  4.936   1.00 97.92  ? 66  LYS A O   1 
ATOM   501 C CB  . LYS A 1 66 ? 6.619   10.718  4.414   1.00 113.30 ? 66  LYS A CB  1 
ATOM   502 C CG  . LYS A 1 66 ? 7.658   9.649   4.171   1.00 102.65 ? 66  LYS A CG  1 
ATOM   503 C CD  . LYS A 1 66 ? 8.675   10.130  3.158   1.00 105.55 ? 66  LYS A CD  1 
ATOM   504 C CE  . LYS A 1 66 ? 10.084  10.061  3.707   1.00 103.13 ? 66  LYS A CE  1 
ATOM   505 N NZ  . LYS A 1 66 ? 11.023  10.853  2.870   1.00 117.14 ? 66  LYS A NZ  1 
ATOM   506 N N   . ASN A 1 67 ? 4.951   11.804  6.877   1.00 111.79 ? 67  ASN A N   1 
ATOM   507 C CA  . ASN A 1 67 ? 4.376   12.957  7.551   1.00 86.86  ? 67  ASN A CA  1 
ATOM   508 C C   . ASN A 1 67 ? 2.875   12.936  7.739   1.00 85.16  ? 67  ASN A C   1 
ATOM   509 O O   . ASN A 1 67 ? 2.170   13.808  7.290   1.00 87.32  ? 67  ASN A O   1 
ATOM   510 C CB  . ASN A 1 67 ? 4.802   14.224  6.827   1.00 104.47 ? 67  ASN A CB  1 
ATOM   511 C CG  . ASN A 1 67 ? 6.108   14.780  7.356   1.00 122.33 ? 67  ASN A CG  1 
ATOM   512 O OD1 . ASN A 1 67 ? 6.136   15.437  8.390   1.00 106.50 ? 67  ASN A OD1 1 
ATOM   513 N ND2 . ASN A 1 67 ? 7.195   14.513  6.654   1.00 129.67 ? 67  ASN A ND2 1 
ATOM   514 N N   . LEU A 1 68 ? 2.389   11.890  8.379   1.00 86.19  ? 68  LEU A N   1 
ATOM   515 C CA  . LEU A 1 68 ? 0.978   11.752  8.606   1.00 76.58  ? 68  LEU A CA  1 
ATOM   516 C C   . LEU A 1 68 ? 0.266   12.602  9.625   1.00 99.55  ? 68  LEU A C   1 
ATOM   517 O O   . LEU A 1 68 ? 0.800   12.931  10.659  1.00 86.98  ? 68  LEU A O   1 
ATOM   518 C CB  . LEU A 1 68 ? 0.746   10.289  8.917   1.00 79.49  ? 68  LEU A CB  1 
ATOM   519 C CG  . LEU A 1 68 ? 1.287   9.306   7.895   1.00 78.51  ? 68  LEU A CG  1 
ATOM   520 C CD1 . LEU A 1 68 ? 1.419   7.933   8.501   1.00 88.45  ? 68  LEU A CD1 1 
ATOM   521 C CD2 . LEU A 1 68 ? 0.391   9.254   6.687   1.00 57.46  ? 68  LEU A CD2 1 
ATOM   522 N N   . ARG A 1 69 ? -0.959  12.949  9.280   1.00 106.07 ? 69  ARG A N   1 
ATOM   523 C CA  . ARG A 1 69 ? -1.871  13.643  10.148  1.00 117.08 ? 69  ARG A CA  1 
ATOM   524 C C   . ARG A 1 69 ? -2.978  12.669  10.445  1.00 125.24 ? 69  ARG A C   1 
ATOM   525 O O   . ARG A 1 69 ? -3.354  11.890  9.577   1.00 142.35 ? 69  ARG A O   1 
ATOM   526 C CB  . ARG A 1 69 ? -2.435  14.862  9.439   1.00 120.01 ? 69  ARG A CB  1 
ATOM   527 C CG  . ARG A 1 69 ? -1.382  15.714  8.755   1.00 122.62 ? 69  ARG A CG  1 
ATOM   528 C CD  . ARG A 1 69 ? -1.897  16.391  7.497   1.00 126.15 ? 69  ARG A CD  1 
ATOM   529 N NE  . ARG A 1 69 ? -3.327  16.633  7.527   1.00 130.26 ? 69  ARG A NE  1 
ATOM   530 C CZ  . ARG A 1 69 ? -4.126  16.499  6.478   1.00 132.38 ? 69  ARG A CZ  1 
ATOM   531 N NH1 . ARG A 1 69 ? -3.629  16.125  5.311   1.00 108.49 ? 69  ARG A NH1 1 
ATOM   532 N NH2 . ARG A 1 69 ? -5.423  16.741  6.590   1.00 136.61 ? 69  ARG A NH2 1 
ATOM   533 N N   . PRO A 1 70 ? -3.467  12.634  11.659  1.00 106.62 ? 70  PRO A N   1 
ATOM   534 C CA  . PRO A 1 70 ? -4.505  11.676  11.981  1.00 102.29 ? 70  PRO A CA  1 
ATOM   535 C C   . PRO A 1 70 ? -5.602  11.771  10.959  1.00 119.07 ? 70  PRO A C   1 
ATOM   536 O O   . PRO A 1 70 ? -6.255  10.794  10.659  1.00 80.18  ? 70  PRO A O   1 
ATOM   537 C CB  . PRO A 1 70 ? -4.995  12.142  13.339  1.00 92.04  ? 70  PRO A CB  1 
ATOM   538 C CG  . PRO A 1 70 ? -4.347  13.458  13.582  1.00 105.66 ? 70  PRO A CG  1 
ATOM   539 C CD  . PRO A 1 70 ? -3.723  13.905  12.317  1.00 94.75  ? 70  PRO A CD  1 
ATOM   540 N N   . GLN A 1 71 ? -5.791  12.959  10.423  1.00 131.56 ? 71  GLN A N   1 
ATOM   541 C CA  . GLN A 1 71 ? -6.764  13.150  9.370   1.00 96.61  ? 71  GLN A CA  1 
ATOM   542 C C   . GLN A 1 71 ? -6.545  12.086  8.335   1.00 97.99  ? 71  GLN A C   1 
ATOM   543 O O   . GLN A 1 71 ? -7.438  11.743  7.585   1.00 93.46  ? 71  GLN A O   1 
ATOM   544 C CB  . GLN A 1 71 ? -6.557  14.492  8.692   1.00 105.26 ? 71  GLN A CB  1 
ATOM   545 C CG  . GLN A 1 71 ? -7.072  15.681  9.460   1.00 121.03 ? 71  GLN A CG  1 
ATOM   546 C CD  . GLN A 1 71 ? -6.371  15.871  10.780  1.00 143.47 ? 71  GLN A CD  1 
ATOM   547 O OE1 . GLN A 1 71 ? -5.195  15.551  10.925  1.00 141.81 ? 71  GLN A OE1 1 
ATOM   548 N NE2 . GLN A 1 71 ? -7.095  16.397  11.756  1.00 154.85 ? 71  GLN A NE2 1 
ATOM   549 N N   . ASP A 1 72 ? -5.328  11.576  8.287   1.00 105.62 ? 72  ASP A N   1 
ATOM   550 C CA  . ASP A 1 72 ? -4.915  10.735  7.206   1.00 88.23  ? 72  ASP A CA  1 
ATOM   551 C C   . ASP A 1 72 ? -5.306  9.313   7.439   1.00 104.09 ? 72  ASP A C   1 
ATOM   552 O O   . ASP A 1 72 ? -5.126  8.479   6.590   1.00 82.07  ? 72  ASP A O   1 
ATOM   553 C CB  . ASP A 1 72 ? -3.421  10.847  7.024   1.00 79.70  ? 72  ASP A CB  1 
ATOM   554 C CG  . ASP A 1 72 ? -3.019  12.131  6.378   1.00 100.79 ? 72  ASP A CG  1 
ATOM   555 O OD1 . ASP A 1 72 ? -3.885  12.834  5.852   1.00 109.63 ? 72  ASP A OD1 1 
ATOM   556 O OD2 . ASP A 1 72 ? -1.827  12.437  6.380   1.00 95.90  ? 72  ASP A OD2 1 
ATOM   557 N N   . SER A 1 73 ? -5.857  9.037   8.598   1.00 74.15  ? 73  SER A N   1 
ATOM   558 C CA  . SER A 1 73 ? -6.284  7.703   8.914   1.00 74.01  ? 73  SER A CA  1 
ATOM   559 C C   . SER A 1 73 ? -7.299  7.235   7.902   1.00 71.35  ? 73  SER A C   1 
ATOM   560 O O   . SER A 1 73 ? -8.259  7.917   7.635   1.00 70.35  ? 73  SER A O   1 
ATOM   561 C CB  . SER A 1 73 ? -6.876  7.688   10.305  1.00 92.93  ? 73  SER A CB  1 
ATOM   562 O OG  . SER A 1 73 ? -5.860  7.663   11.265  1.00 75.35  ? 73  SER A OG  1 
ATOM   563 N N   . CYS A 1 74 ? -7.061  6.086   7.294   1.00 63.44  ? 74  CYS A N   1 
ATOM   564 C CA  . CYS A 1 74 ? -7.943  5.618   6.255   1.00 59.72  ? 74  CYS A CA  1 
ATOM   565 C C   . CYS A 1 74 ? -7.812  4.171   5.944   1.00 78.49  ? 74  CYS A C   1 
ATOM   566 O O   . CYS A 1 74 ? -7.296  3.394   6.703   1.00 60.06  ? 74  CYS A O   1 
ATOM   567 C CB  . CYS A 1 74 ? -7.665  6.352   4.964   1.00 80.17  ? 74  CYS A CB  1 
ATOM   568 S SG  . CYS A 1 74 ? -6.170  5.820   4.165   1.00 71.95  ? 74  CYS A SG  1 
ATOM   569 N N   . ARG A 1 75 ? -8.289  3.832   4.762   1.00 59.16  ? 75  ARG A N   1 
ATOM   570 C CA  . ARG A 1 75 ? -8.313  2.483   4.257   1.00 71.68  ? 75  ARG A CA  1 
ATOM   571 C C   . ARG A 1 75 ? -7.328  2.367   3.118   1.00 70.63  ? 75  ARG A C   1 
ATOM   572 O O   . ARG A 1 75 ? -7.475  3.050   2.133   1.00 93.90  ? 75  ARG A O   1 
ATOM   573 C CB  . ARG A 1 75 ? -9.709  2.193   3.728   1.00 65.95  ? 75  ARG A CB  1 
ATOM   574 C CG  . ARG A 1 75 ? -10.436 1.051   4.377   1.00 60.82  ? 75  ARG A CG  1 
ATOM   575 C CD  . ARG A 1 75 ? -9.747  -0.259  4.155   1.00 87.93  ? 75  ARG A CD  1 
ATOM   576 N NE  . ARG A 1 75 ? -10.598 -1.214  3.492   1.00 108.83 ? 75  ARG A NE  1 
ATOM   577 C CZ  . ARG A 1 75 ? -10.592 -2.511  3.752   1.00 118.16 ? 75  ARG A CZ  1 
ATOM   578 N NH1 . ARG A 1 75 ? -9.783  -2.988  4.681   1.00 85.89  ? 75  ARG A NH1 1 
ATOM   579 N NH2 . ARG A 1 75 ? -11.392 -3.322  3.077   1.00 105.34 ? 75  ARG A NH2 1 
ATOM   580 N N   . VAL A 1 76 ? -6.337  1.503   3.235   1.00 60.81  ? 76  VAL A N   1 
ATOM   581 C CA  . VAL A 1 76 ? -5.373  1.332   2.182   1.00 48.72  ? 76  VAL A CA  1 
ATOM   582 C C   . VAL A 1 76 ? -5.694  0.127   1.366   1.00 66.66  ? 76  VAL A C   1 
ATOM   583 O O   . VAL A 1 76 ? -5.858  -0.929  1.887   1.00 88.93  ? 76  VAL A O   1 
ATOM   584 C CB  . VAL A 1 76 ? -3.990  1.156   2.776   1.00 52.67  ? 76  VAL A CB  1 
ATOM   585 C CG1 . VAL A 1 76 ? -2.972  0.893   1.713   1.00 52.65  ? 76  VAL A CG1 1 
ATOM   586 C CG2 . VAL A 1 76 ? -3.616  2.402   3.508   1.00 66.46  ? 76  VAL A CG2 1 
ATOM   587 N N   . THR A 1 77 ? -5.749  0.288   0.063   1.00 78.73  ? 77  THR A N   1 
ATOM   588 C CA  . THR A 1 77 ? -6.030  -0.822  -0.808  1.00 50.79  ? 77  THR A CA  1 
ATOM   589 C C   . THR A 1 77 ? -4.953  -0.965  -1.849  1.00 69.31  ? 77  THR A C   1 
ATOM   590 O O   . THR A 1 77 ? -4.472  0.003   -2.358  1.00 73.31  ? 77  THR A O   1 
ATOM   591 C CB  . THR A 1 77 ? -7.373  -0.622  -1.495  1.00 79.37  ? 77  THR A CB  1 
ATOM   592 O OG1 . THR A 1 77 ? -8.408  -0.646  -0.523  1.00 69.12  ? 77  THR A OG1 1 
ATOM   593 C CG2 . THR A 1 77 ? -7.638  -1.709  -2.464  1.00 80.72  ? 77  THR A CG2 1 
ATOM   594 N N   . PHE A 1 78 ? -4.583  -2.188  -2.164  1.00 58.72  ? 78  PHE A N   1 
ATOM   595 C CA  . PHE A 1 78 ? -3.666  -2.463  -3.239  1.00 64.93  ? 78  PHE A CA  1 
ATOM   596 C C   . PHE A 1 78 ? -4.419  -3.271  -4.238  1.00 42.12  ? 78  PHE A C   1 
ATOM   597 O O   . PHE A 1 78 ? -5.173  -4.127  -3.885  1.00 54.40  ? 78  PHE A O   1 
ATOM   598 C CB  . PHE A 1 78 ? -2.494  -3.272  -2.746  1.00 51.11  ? 78  PHE A CB  1 
ATOM   599 C CG  . PHE A 1 78 ? -1.577  -3.730  -3.824  1.00 74.49  ? 78  PHE A CG  1 
ATOM   600 C CD1 . PHE A 1 78 ? -0.619  -2.898  -4.326  1.00 97.78  ? 78  PHE A CD1 1 
ATOM   601 C CD2 . PHE A 1 78 ? -1.660  -4.996  -4.322  1.00 64.16  ? 78  PHE A CD2 1 
ATOM   602 C CE1 . PHE A 1 78 ? 0.234   -3.319  -5.312  1.00 71.20  ? 78  PHE A CE1 1 
ATOM   603 C CE2 . PHE A 1 78 ? -0.808  -5.418  -5.305  1.00 99.86  ? 78  PHE A CE2 1 
ATOM   604 C CZ  . PHE A 1 78 ? 0.139   -4.579  -5.795  1.00 41.23  ? 78  PHE A CZ  1 
ATOM   605 N N   . LEU A 1 79 ? -4.209  -2.978  -5.497  1.00 72.83  ? 79  LEU A N   1 
ATOM   606 C CA  . LEU A 1 79 ? -4.964  -3.609  -6.524  1.00 48.54  ? 79  LEU A CA  1 
ATOM   607 C C   . LEU A 1 79 ? -4.072  -3.971  -7.677  1.00 82.00  ? 79  LEU A C   1 
ATOM   608 O O   . LEU A 1 79 ? -3.420  -3.135  -8.260  1.00 57.68  ? 79  LEU A O   1 
ATOM   609 C CB  . LEU A 1 79 ? -6.042  -2.669  -6.963  1.00 75.90  ? 79  LEU A CB  1 
ATOM   610 C CG  . LEU A 1 79 ? -7.153  -3.361  -7.686  1.00 86.86  ? 79  LEU A CG  1 
ATOM   611 C CD1 . LEU A 1 79 ? -8.237  -2.351  -7.951  1.00 110.57 ? 79  LEU A CD1 1 
ATOM   612 C CD2 . LEU A 1 79 ? -6.604  -3.880  -8.989  1.00 86.54  ? 79  LEU A CD2 1 
ATOM   613 N N   . ALA A 1 80 ? -4.050  -5.258  -8.007  1.00 87.30  ? 80  ALA A N   1 
ATOM   614 C CA  . ALA A 1 80 ? -3.229  -5.754  -9.105  1.00 73.67  ? 80  ALA A CA  1 
ATOM   615 C C   . ALA A 1 80 ? -4.011  -6.722  -9.987  1.00 77.66  ? 80  ALA A C   1 
ATOM   616 O O   . ALA A 1 80 ? -4.231  -7.875  -9.614  1.00 109.86 ? 80  ALA A O   1 
ATOM   617 C CB  . ALA A 1 80 ? -1.970  -6.419  -8.569  1.00 74.37  ? 80  ALA A CB  1 
ATOM   618 N N   . GLY A 1 81 ? -4.430  -6.223  -11.128 1.00 98.62  ? 81  GLY A N   1 
ATOM   619 C CA  . GLY A 1 81 ? -5.242  -6.994  -12.012 1.00 113.57 ? 81  GLY A CA  1 
ATOM   620 C C   . GLY A 1 81 ? -6.527  -7.236  -11.307 1.00 94.87  ? 81  GLY A C   1 
ATOM   621 O O   . GLY A 1 81 ? -7.387  -6.403  -11.312 1.00 97.21  ? 81  GLY A O   1 
ATOM   622 N N   . ASP A 1 82 ? -6.676  -8.388  -10.695 1.00 110.12 ? 82  ASP A N   1 
ATOM   623 C CA  . ASP A 1 82 ? -7.973  -8.686  -10.124 1.00 92.77  ? 82  ASP A CA  1 
ATOM   624 C C   . ASP A 1 82 ? -7.918  -8.889  -8.609  1.00 127.31 ? 82  ASP A C   1 
ATOM   625 O O   . ASP A 1 82 ? -8.866  -8.635  -7.894  1.00 119.07 ? 82  ASP A O   1 
ATOM   626 C CB  . ASP A 1 82 ? -8.506  -9.913  -10.862 1.00 96.77  ? 82  ASP A CB  1 
ATOM   627 C CG  . ASP A 1 82 ? -9.535  -10.699 -10.091 1.00 122.74 ? 82  ASP A CG  1 
ATOM   628 O OD1 . ASP A 1 82 ? -10.344 -10.098 -9.368  1.00 111.10 ? 82  ASP A OD1 1 
ATOM   629 O OD2 . ASP A 1 82 ? -9.527  -11.932 -10.226 1.00 137.11 ? 82  ASP A OD2 1 
ATOM   630 N N   . MET A 1 83 ? -6.780  -9.355  -8.129  1.00 134.30 ? 83  MET A N   1 
ATOM   631 C CA  . MET A 1 83 ? -6.591  -9.560  -6.712  1.00 105.52 ? 83  MET A CA  1 
ATOM   632 C C   . MET A 1 83 ? -6.897  -8.283  -5.978  1.00 108.72 ? 83  MET A C   1 
ATOM   633 O O   . MET A 1 83 ? -7.027  -7.244  -6.583  1.00 98.37  ? 83  MET A O   1 
ATOM   634 C CB  . MET A 1 83 ? -5.167  -9.951  -6.414  1.00 111.24 ? 83  MET A CB  1 
ATOM   635 C CG  . MET A 1 83 ? -4.809  -11.322 -6.881  1.00 120.00 ? 83  MET A CG  1 
ATOM   636 S SD  . MET A 1 83 ? -3.779  -11.235 -8.330  1.00 154.72 ? 83  MET A SD  1 
ATOM   637 C CE  . MET A 1 83 ? -2.175  -11.419 -7.596  1.00 77.95  ? 83  MET A CE  1 
ATOM   638 N N   . VAL A 1 84 ? -6.992  -8.363  -4.667  1.00 84.68  ? 84  VAL A N   1 
ATOM   639 C CA  . VAL A 1 84 ? -7.204  -7.186  -3.880  1.00 89.55  ? 84  VAL A CA  1 
ATOM   640 C C   . VAL A 1 84 ? -6.958  -7.494  -2.441  1.00 86.06  ? 84  VAL A C   1 
ATOM   641 O O   . VAL A 1 84 ? -7.444  -8.463  -1.931  1.00 111.70 ? 84  VAL A O   1 
ATOM   642 C CB  . VAL A 1 84 ? -8.643  -6.766  -4.039  1.00 77.99  ? 84  VAL A CB  1 
ATOM   643 C CG1 . VAL A 1 84 ? -9.524  -7.907  -3.624  1.00 106.84 ? 84  VAL A CG1 1 
ATOM   644 C CG2 . VAL A 1 84 ? -8.922  -5.561  -3.186  1.00 87.82  ? 84  VAL A CG2 1 
ATOM   645 N N   . THR A 1 85 ? -6.184  -6.658  -1.790  1.00 72.97  ? 85  THR A N   1 
ATOM   646 C CA  . THR A 1 85 ? -5.887  -6.858  -0.382  1.00 76.91  ? 85  THR A CA  1 
ATOM   647 C C   . THR A 1 85 ? -5.950  -5.497  0.278   1.00 79.66  ? 85  THR A C   1 
ATOM   648 O O   . THR A 1 85 ? -5.596  -4.499  -0.336  1.00 78.38  ? 85  THR A O   1 
ATOM   649 C CB  . THR A 1 85 ? -4.510  -7.506  -0.151  1.00 70.30  ? 85  THR A CB  1 
ATOM   650 O OG1 . THR A 1 85 ? -4.377  -7.863  1.234   1.00 92.16  ? 85  THR A OG1 1 
ATOM   651 C CG2 . THR A 1 85 ? -3.392  -6.554  -0.539  1.00 77.03  ? 85  THR A CG2 1 
ATOM   652 N N   . SER A 1 86 ? -6.408  -5.446  1.515   1.00 64.88  ? 86  SER A N   1 
ATOM   653 C CA  . SER A 1 86 ? -6.693  -4.192  2.157   1.00 61.35  ? 86  SER A CA  1 
ATOM   654 C C   . SER A 1 86 ? -6.315  -4.185  3.608   1.00 68.18  ? 86  SER A C   1 
ATOM   655 O O   . SER A 1 86 ? -6.140  -5.216  4.199   1.00 67.31  ? 86  SER A O   1 
ATOM   656 C CB  . SER A 1 86 ? -8.173  -3.941  2.072   1.00 69.79  ? 86  SER A CB  1 
ATOM   657 O OG  . SER A 1 86 ? -8.445  -2.569  2.075   1.00 108.53 ? 86  SER A OG  1 
ATOM   658 N N   . ALA A 1 87 ? -6.227  -3.003  4.186   1.00 68.78  ? 87  ALA A N   1 
ATOM   659 C CA  . ALA A 1 87 ? -5.946  -2.855  5.592   1.00 64.91  ? 87  ALA A CA  1 
ATOM   660 C C   . ALA A 1 87 ? -6.240  -1.447  6.067   1.00 69.18  ? 87  ALA A C   1 
ATOM   661 O O   . ALA A 1 87 ? -6.711  -0.629  5.322   1.00 68.13  ? 87  ALA A O   1 
ATOM   662 C CB  . ALA A 1 87 ? -4.514  -3.222  5.881   1.00 78.91  ? 87  ALA A CB  1 
ATOM   663 N N   . PHE A 1 88 ? -5.961  -1.171  7.326   1.00 79.59  ? 88  PHE A N   1 
ATOM   664 C CA  . PHE A 1 88 ? -6.317  0.094   7.919   1.00 66.48  ? 88  PHE A CA  1 
ATOM   665 C C   . PHE A 1 88 ? -5.103  0.850   8.338   1.00 84.94  ? 88  PHE A C   1 
ATOM   666 O O   . PHE A 1 88 ? -4.165  0.284   8.832   1.00 79.84  ? 88  PHE A O   1 
ATOM   667 C CB  . PHE A 1 88 ? -7.155  -0.141  9.155   1.00 81.84  ? 88  PHE A CB  1 
ATOM   668 C CG  . PHE A 1 88 ? -8.575  -0.457  8.869   1.00 100.15 ? 88  PHE A CG  1 
ATOM   669 C CD1 . PHE A 1 88 ? -9.388  0.466   8.297   1.00 83.07  ? 88  PHE A CD1 1 
ATOM   670 C CD2 . PHE A 1 88 ? -9.088  -1.676  9.189   1.00 116.35 ? 88  PHE A CD2 1 
ATOM   671 C CE1 . PHE A 1 88 ? -10.690 0.179   8.035   1.00 60.88  ? 88  PHE A CE1 1 
ATOM   672 C CE2 . PHE A 1 88 ? -10.391 -1.976  8.939   1.00 95.76  ? 88  PHE A CE2 1 
ATOM   673 C CZ  . PHE A 1 88 ? -11.193 -1.044  8.357   1.00 99.26  ? 88  PHE A CZ  1 
ATOM   674 N N   . LEU A 1 89 ? -5.140  2.147   8.165   1.00 56.39  ? 89  LEU A N   1 
ATOM   675 C CA  . LEU A 1 89 ? -4.072  2.977   8.609   1.00 50.74  ? 89  LEU A CA  1 
ATOM   676 C C   . LEU A 1 89 ? -4.632  3.860   9.666   1.00 73.27  ? 89  LEU A C   1 
ATOM   677 O O   . LEU A 1 89 ? -5.552  4.600   9.411   1.00 73.30  ? 89  LEU A O   1 
ATOM   678 C CB  . LEU A 1 89 ? -3.583  3.835   7.473   1.00 50.55  ? 89  LEU A CB  1 
ATOM   679 C CG  . LEU A 1 89 ? -2.694  4.975   7.890   1.00 75.47  ? 89  LEU A CG  1 
ATOM   680 C CD1 . LEU A 1 89 ? -1.350  4.411   8.251   1.00 68.97  ? 89  LEU A CD1 1 
ATOM   681 C CD2 . LEU A 1 89 ? -2.576  5.964   6.764   1.00 49.37  ? 89  LEU A CD2 1 
ATOM   682 N N   . THR A 1 90 ? -4.088  3.779   10.867  1.00 57.11  ? 90  THR A N   1 
ATOM   683 C CA  . THR A 1 90 ? -4.513  4.495   12.046  1.00 58.88  ? 90  THR A CA  1 
ATOM   684 C C   . THR A 1 90 ? -3.398  5.424   12.383  1.00 62.41  ? 90  THR A C   1 
ATOM   685 O O   . THR A 1 90 ? -2.279  5.009   12.452  1.00 67.70  ? 90  THR A O   1 
ATOM   686 C CB  . THR A 1 90 ? -4.903  3.561   13.223  1.00 99.59  ? 90  THR A CB  1 
ATOM   687 O OG1 . THR A 1 90 ? -5.543  2.371   12.763  1.00 96.19  ? 90  THR A OG1 1 
ATOM   688 C CG2 . THR A 1 90 ? -5.825  4.234   14.204  1.00 95.16  ? 90  THR A CG2 1 
ATOM   689 N N   . VAL A 1 91 ? -3.660  6.699   12.536  1.00 73.52  ? 91  VAL A N   1 
ATOM   690 C CA  . VAL A 1 91 ? -2.569  7.606   12.803  1.00 68.49  ? 91  VAL A CA  1 
ATOM   691 C C   . VAL A 1 91 ? -2.740  8.278   14.154  1.00 83.33  ? 91  VAL A C   1 
ATOM   692 O O   . VAL A 1 91 ? -3.831  8.645   14.532  1.00 90.88  ? 91  VAL A O   1 
ATOM   693 C CB  . VAL A 1 91 ? -2.433  8.633   11.680  1.00 82.09  ? 91  VAL A CB  1 
ATOM   694 C CG1 . VAL A 1 91 ? -1.475  9.744   12.058  1.00 92.96  ? 91  VAL A CG1 1 
ATOM   695 C CG2 . VAL A 1 91 ? -1.953  7.958   10.421  1.00 60.62  ? 91  VAL A CG2 1 
ATOM   696 N N   . ARG A 1 92 ? -1.637  8.425   14.874  1.00 99.18  ? 92  ARG A N   1 
ATOM   697 C CA  . ARG A 1 92 ? -1.622  8.913   16.254  1.00 116.95 ? 92  ARG A CA  1 
ATOM   698 C C   . ARG A 1 92 ? -2.479  8.048   17.148  1.00 116.34 ? 92  ARG A C   1 
ATOM   699 O O   . ARG A 1 92 ? -1.982  7.112   17.758  1.00 139.32 ? 92  ARG A O   1 
ATOM   700 C CB  . ARG A 1 92 ? -2.045  10.376  16.361  1.00 106.00 ? 92  ARG A CB  1 
ATOM   701 C CG  . ARG A 1 92 ? -2.017  10.924  17.779  1.00 95.78  ? 92  ARG A CG  1 
ATOM   702 C CD  . ARG A 1 92 ? -1.011  12.056  17.955  1.00 144.18 ? 92  ARG A CD  1 
ATOM   703 N NE  . ARG A 1 92 ? -0.422  12.065  19.296  1.00 157.39 ? 92  ARG A NE  1 
ATOM   704 C CZ  . ARG A 1 92 ? 0.616   12.812  19.680  1.00 153.33 ? 92  ARG A CZ  1 
ATOM   705 N NH1 . ARG A 1 92 ? 1.213   13.648  18.845  1.00 158.79 ? 92  ARG A NH1 1 
ATOM   706 N NH2 . ARG A 1 92 ? 1.062   12.721  20.921  1.00 142.23 ? 92  ARG A NH2 1 
HETATM 707 O O   . HOH B 2 .  ? -15.318 6.422   0.380   1.00 85.21  ? 201 HOH A O   1 
# 
loop_
_pdbx_poly_seq_scheme.asym_id 
_pdbx_poly_seq_scheme.entity_id 
_pdbx_poly_seq_scheme.seq_id 
_pdbx_poly_seq_scheme.mon_id 
_pdbx_poly_seq_scheme.ndb_seq_num 
_pdbx_poly_seq_scheme.pdb_seq_num 
_pdbx_poly_seq_scheme.auth_seq_num 
_pdbx_poly_seq_scheme.pdb_mon_id 
_pdbx_poly_seq_scheme.auth_mon_id 
_pdbx_poly_seq_scheme.pdb_strand_id 
_pdbx_poly_seq_scheme.pdb_ins_code 
_pdbx_poly_seq_scheme.hetero 
A 1 1   THR 1   1   ?  ?   ?   A . n 
A 1 2   ALA 2   2   ?  ?   ?   A . n 
A 1 3   LYS 3   3   3  LYS LYS A . n 
A 1 4   ASN 4   4   4  ASN ASN A . n 
A 1 5   THR 5   5   5  THR THR A . n 
A 1 6   VAL 6   6   6  VAL VAL A . n 
A 1 7   VAL 7   7   7  VAL VAL A . n 
A 1 8   ARG 8   8   8  ARG ARG A . n 
A 1 9   GLY 9   9   9  GLY GLY A . n 
A 1 10  LEU 10  10  10 LEU LEU A . n 
A 1 11  GLU 11  11  11 GLU GLU A . n 
A 1 12  ASN 12  12  12 ASN ASN A . n 
A 1 13  VAL 13  13  13 VAL VAL A . n 
A 1 14  GLU 14  14  14 GLU GLU A . n 
A 1 15  ALA 15  15  15 ALA ALA A . n 
A 1 16  LEU 16  16  16 LEU LEU A . n 
A 1 17  GLU 17  17  17 GLU GLU A . n 
A 1 18  GLY 18  18  18 GLY GLY A . n 
A 1 19  GLY 19  19  19 GLY GLY A . n 
A 1 20  GLU 20  20  20 GLU GLU A . n 
A 1 21  ALA 21  21  21 ALA ALA A . n 
A 1 22  LEU 22  22  22 LEU LEU A . n 
A 1 23  PHE 23  23  23 PHE PHE A . n 
A 1 24  GLU 24  24  24 GLU GLU A . n 
A 1 25  CYS 25  25  25 CYS CYS A . n 
A 1 26  GLN 26  26  26 GLN GLN A . n 
A 1 27  LEU 27  27  27 LEU LEU A . n 
A 1 28  SER 28  28  28 SER SER A . n 
A 1 29  GLN 29  29  29 GLN GLN A . n 
A 1 30  PRO 30  30  30 PRO PRO A . n 
A 1 31  GLU 31  31  31 GLU GLU A . n 
A 1 32  VAL 32  32  32 VAL VAL A . n 
A 1 33  ALA 33  33  33 ALA ALA A . n 
A 1 34  ALA 34  34  34 ALA ALA A . n 
A 1 35  HIS 35  35  35 HIS HIS A . n 
A 1 36  THR 36  36  36 THR THR A . n 
A 1 37  TRP 37  37  37 TRP TRP A . n 
A 1 38  LEU 38  38  38 LEU LEU A . n 
A 1 39  LEU 39  39  39 LEU LEU A . n 
A 1 40  ASP 40  40  40 ASP ASP A . n 
A 1 41  ASP 41  41  41 ASP ASP A . n 
A 1 42  GLU 42  42  42 GLU GLU A . n 
A 1 43  PRO 43  43  43 PRO PRO A . n 
A 1 44  VAL 44  44  44 VAL VAL A . n 
A 1 45  ARG 45  45  45 ARG ARG A . n 
A 1 46  THR 46  46  46 THR THR A . n 
A 1 47  SER 47  47  47 SER SER A . n 
A 1 48  GLU 48  48  48 GLU GLU A . n 
A 1 49  ASN 49  49  49 ASN ASN A . n 
A 1 50  ALA 50  50  50 ALA ALA A . n 
A 1 51  GLU 51  51  51 GLU GLU A . n 
A 1 52  VAL 52  52  52 VAL VAL A . n 
A 1 53  VAL 53  53  53 VAL VAL A . n 
A 1 54  PHE 54  54  54 PHE PHE A . n 
A 1 55  PHE 55  55  55 PHE PHE A . n 
A 1 56  GLU 56  56  56 GLU GLU A . n 
A 1 57  ASN 57  57  57 ASN ASN A . n 
A 1 58  GLY 58  58  58 GLY GLY A . n 
A 1 59  LEU 59  59  59 LEU LEU A . n 
A 1 60  ARG 60  60  60 ARG ARG A . n 
A 1 61  HIS 61  61  61 HIS HIS A . n 
A 1 62  LEU 62  62  62 LEU LEU A . n 
A 1 63  LEU 63  63  63 LEU LEU A . n 
A 1 64  LEU 64  64  64 LEU LEU A . n 
A 1 65  LEU 65  65  65 LEU LEU A . n 
A 1 66  LYS 66  66  66 LYS LYS A . n 
A 1 67  ASN 67  67  67 ASN ASN A . n 
A 1 68  LEU 68  68  68 LEU LEU A . n 
A 1 69  ARG 69  69  69 ARG ARG A . n 
A 1 70  PRO 70  70  70 PRO PRO A . n 
A 1 71  GLN 71  71  71 GLN GLN A . n 
A 1 72  ASP 72  72  72 ASP ASP A . n 
A 1 73  SER 73  73  73 SER SER A . n 
A 1 74  CYS 74  74  74 CYS CYS A . n 
A 1 75  ARG 75  75  75 ARG ARG A . n 
A 1 76  VAL 76  76  76 VAL VAL A . n 
A 1 77  THR 77  77  77 THR THR A . n 
A 1 78  PHE 78  78  78 PHE PHE A . n 
A 1 79  LEU 79  79  79 LEU LEU A . n 
A 1 80  ALA 80  80  80 ALA ALA A . n 
A 1 81  GLY 81  81  81 GLY GLY A . n 
A 1 82  ASP 82  82  82 ASP ASP A . n 
A 1 83  MET 83  83  83 MET MET A . n 
A 1 84  VAL 84  84  84 VAL VAL A . n 
A 1 85  THR 85  85  85 THR THR A . n 
A 1 86  SER 86  86  86 SER SER A . n 
A 1 87  ALA 87  87  87 ALA ALA A . n 
A 1 88  PHE 88  88  88 PHE PHE A . n 
A 1 89  LEU 89  89  89 LEU LEU A . n 
A 1 90  THR 90  90  90 THR THR A . n 
A 1 91  VAL 91  91  91 VAL VAL A . n 
A 1 92  ARG 92  92  92 ARG ARG A . n 
A 1 93  GLY 93  93  ?  ?   ?   A . n 
A 1 94  GLY 94  94  ?  ?   ?   A . n 
A 1 95  LEU 95  95  ?  ?   ?   A . n 
A 1 96  GLU 96  96  ?  ?   ?   A . n 
A 1 97  HIS 97  97  ?  ?   ?   A . n 
A 1 98  HIS 98  98  ?  ?   ?   A . n 
A 1 99  HIS 99  99  ?  ?   ?   A . n 
A 1 100 HIS 100 100 ?  ?   ?   A . n 
A 1 101 HIS 101 101 ?  ?   ?   A . n 
A 1 102 HIS 102 102 ?  ?   ?   A . n 
# 
_pdbx_nonpoly_scheme.asym_id         B 
_pdbx_nonpoly_scheme.entity_id       2 
_pdbx_nonpoly_scheme.mon_id          HOH 
_pdbx_nonpoly_scheme.ndb_seq_num     1 
_pdbx_nonpoly_scheme.pdb_seq_num     201 
_pdbx_nonpoly_scheme.auth_seq_num    1 
_pdbx_nonpoly_scheme.pdb_mon_id      HOH 
_pdbx_nonpoly_scheme.auth_mon_id     HOH 
_pdbx_nonpoly_scheme.pdb_strand_id   A 
_pdbx_nonpoly_scheme.pdb_ins_code    . 
# 
_pdbx_struct_assembly.id                   1 
_pdbx_struct_assembly.details              author_defined_assembly 
_pdbx_struct_assembly.method_details       ? 
_pdbx_struct_assembly.oligomeric_details   monomeric 
_pdbx_struct_assembly.oligomeric_count     1 
# 
_pdbx_struct_assembly_gen.assembly_id       1 
_pdbx_struct_assembly_gen.oper_expression   1 
_pdbx_struct_assembly_gen.asym_id_list      A,B 
# 
_pdbx_struct_oper_list.id                   1 
_pdbx_struct_oper_list.type                 'identity operation' 
_pdbx_struct_oper_list.name                 1_555 
_pdbx_struct_oper_list.symmetry_operation   x,y,z 
_pdbx_struct_oper_list.matrix[1][1]         1.0000000000 
_pdbx_struct_oper_list.matrix[1][2]         0.0000000000 
_pdbx_struct_oper_list.matrix[1][3]         0.0000000000 
_pdbx_struct_oper_list.vector[1]            0.0000000000 
_pdbx_struct_oper_list.matrix[2][1]         0.0000000000 
_pdbx_struct_oper_list.matrix[2][2]         1.0000000000 
_pdbx_struct_oper_list.matrix[2][3]         0.0000000000 
_pdbx_struct_oper_list.vector[2]            0.0000000000 
_pdbx_struct_oper_list.matrix[3][1]         0.0000000000 
_pdbx_struct_oper_list.matrix[3][2]         0.0000000000 
_pdbx_struct_oper_list.matrix[3][3]         1.0000000000 
_pdbx_struct_oper_list.vector[3]            0.0000000000 
# 
loop_
_pdbx_audit_revision_history.ordinal 
_pdbx_audit_revision_history.data_content_type 
_pdbx_audit_revision_history.major_revision 
_pdbx_audit_revision_history.minor_revision 
_pdbx_audit_revision_history.revision_date 
1 'Structure model' 1 0 2016-02-24 
2 'Structure model' 1 1 2023-09-20 
# 
_pdbx_audit_revision_details.ordinal             1 
_pdbx_audit_revision_details.revision_ordinal    1 
_pdbx_audit_revision_details.data_content_type   'Structure model' 
_pdbx_audit_revision_details.provider            repository 
_pdbx_audit_revision_details.type                'Initial release' 
_pdbx_audit_revision_details.description         ? 
_pdbx_audit_revision_details.details             ? 
# 
loop_
_pdbx_audit_revision_group.ordinal 
_pdbx_audit_revision_group.revision_ordinal 
_pdbx_audit_revision_group.data_content_type 
_pdbx_audit_revision_group.group 
1 2 'Structure model' 'Data collection'        
2 2 'Structure model' 'Database references'    
3 2 'Structure model' 'Refinement description' 
# 
loop_
_pdbx_audit_revision_category.ordinal 
_pdbx_audit_revision_category.revision_ordinal 
_pdbx_audit_revision_category.data_content_type 
_pdbx_audit_revision_category.category 
1 2 'Structure model' chem_comp_atom                
2 2 'Structure model' chem_comp_bond                
3 2 'Structure model' database_2                    
4 2 'Structure model' pdbx_initial_refinement_model 
5 2 'Structure model' struct_ref_seq_dif            
# 
loop_
_pdbx_audit_revision_item.ordinal 
_pdbx_audit_revision_item.revision_ordinal 
_pdbx_audit_revision_item.data_content_type 
_pdbx_audit_revision_item.item 
1 2 'Structure model' '_database_2.pdbx_DOI'                
2 2 'Structure model' '_database_2.pdbx_database_accession' 
3 2 'Structure model' '_struct_ref_seq_dif.details'         
# 
loop_
_software.name 
_software.classification 
_software.version 
_software.citation_id 
_software.pdbx_ordinal 
HKL-2000 'data reduction' . ? 1 
HKL-2000 'data scaling'   . ? 2 
PHASER   phasing          . ? 3 
PHENIX   refinement       . ? 4 
# 
_pdbx_validate_close_contact.id               1 
_pdbx_validate_close_contact.PDB_model_num    1 
_pdbx_validate_close_contact.auth_atom_id_1   NH1 
_pdbx_validate_close_contact.auth_asym_id_1   A 
_pdbx_validate_close_contact.auth_comp_id_1   ARG 
_pdbx_validate_close_contact.auth_seq_id_1    8 
_pdbx_validate_close_contact.PDB_ins_code_1   ? 
_pdbx_validate_close_contact.label_alt_id_1   ? 
_pdbx_validate_close_contact.auth_atom_id_2   OE1 
_pdbx_validate_close_contact.auth_asym_id_2   A 
_pdbx_validate_close_contact.auth_comp_id_2   GLU 
_pdbx_validate_close_contact.auth_seq_id_2    24 
_pdbx_validate_close_contact.PDB_ins_code_2   ? 
_pdbx_validate_close_contact.label_alt_id_2   ? 
_pdbx_validate_close_contact.dist             1.67 
# 
loop_
_pdbx_validate_symm_contact.id 
_pdbx_validate_symm_contact.PDB_model_num 
_pdbx_validate_symm_contact.auth_atom_id_1 
_pdbx_validate_symm_contact.auth_asym_id_1 
_pdbx_validate_symm_contact.auth_comp_id_1 
_pdbx_validate_symm_contact.auth_seq_id_1 
_pdbx_validate_symm_contact.PDB_ins_code_1 
_pdbx_validate_symm_contact.label_alt_id_1 
_pdbx_validate_symm_contact.site_symmetry_1 
_pdbx_validate_symm_contact.auth_atom_id_2 
_pdbx_validate_symm_contact.auth_asym_id_2 
_pdbx_validate_symm_contact.auth_comp_id_2 
_pdbx_validate_symm_contact.auth_seq_id_2 
_pdbx_validate_symm_contact.PDB_ins_code_2 
_pdbx_validate_symm_contact.label_alt_id_2 
_pdbx_validate_symm_contact.site_symmetry_2 
_pdbx_validate_symm_contact.dist 
1 1 OG1 A THR 36 ? ? 1_555 OG1 A THR 36 ? ? 12_577 1.51 
2 1 CG2 A THR 46 ? ? 1_555 CA  A GLY 81 ? ? 12_577 1.63 
3 1 OE1 A GLU 20 ? ? 1_555 NH2 A ARG 75 ? ? 8_687  2.18 
# 
loop_
_pdbx_validate_torsion.id 
_pdbx_validate_torsion.PDB_model_num 
_pdbx_validate_torsion.auth_comp_id 
_pdbx_validate_torsion.auth_asym_id 
_pdbx_validate_torsion.auth_seq_id 
_pdbx_validate_torsion.PDB_ins_code 
_pdbx_validate_torsion.label_alt_id 
_pdbx_validate_torsion.phi 
_pdbx_validate_torsion.psi 
1 1 ARG A 8  ? ? -161.17 98.59   
2 1 ASP A 40 ? ? 56.19   -119.12 
3 1 CYS A 74 ? ? -162.61 -160.19 
# 
_pdbx_validate_peptide_omega.id               1 
_pdbx_validate_peptide_omega.PDB_model_num    1 
_pdbx_validate_peptide_omega.auth_comp_id_1   GLU 
_pdbx_validate_peptide_omega.auth_asym_id_1   A 
_pdbx_validate_peptide_omega.auth_seq_id_1    17 
_pdbx_validate_peptide_omega.PDB_ins_code_1   ? 
_pdbx_validate_peptide_omega.label_alt_id_1   ? 
_pdbx_validate_peptide_omega.auth_comp_id_2   GLY 
_pdbx_validate_peptide_omega.auth_asym_id_2   A 
_pdbx_validate_peptide_omega.auth_seq_id_2    18 
_pdbx_validate_peptide_omega.PDB_ins_code_2   ? 
_pdbx_validate_peptide_omega.label_alt_id_2   ? 
_pdbx_validate_peptide_omega.omega            -66.85 
# 
loop_
_pdbx_unobs_or_zero_occ_residues.id 
_pdbx_unobs_or_zero_occ_residues.PDB_model_num 
_pdbx_unobs_or_zero_occ_residues.polymer_flag 
_pdbx_unobs_or_zero_occ_residues.occupancy_flag 
_pdbx_unobs_or_zero_occ_residues.auth_asym_id 
_pdbx_unobs_or_zero_occ_residues.auth_comp_id 
_pdbx_unobs_or_zero_occ_residues.auth_seq_id 
_pdbx_unobs_or_zero_occ_residues.PDB_ins_code 
_pdbx_unobs_or_zero_occ_residues.label_asym_id 
_pdbx_unobs_or_zero_occ_residues.label_comp_id 
_pdbx_unobs_or_zero_occ_residues.label_seq_id 
1  1 Y 1 A THR 1   ? A THR 1   
2  1 Y 1 A ALA 2   ? A ALA 2   
3  1 Y 1 A GLY 93  ? A GLY 93  
4  1 Y 1 A GLY 94  ? A GLY 94  
5  1 Y 1 A LEU 95  ? A LEU 95  
6  1 Y 1 A GLU 96  ? A GLU 96  
7  1 Y 1 A HIS 97  ? A HIS 97  
8  1 Y 1 A HIS 98  ? A HIS 98  
9  1 Y 1 A HIS 99  ? A HIS 99  
10 1 Y 1 A HIS 100 ? A HIS 100 
11 1 Y 1 A HIS 101 ? A HIS 101 
12 1 Y 1 A HIS 102 ? A HIS 102 
# 
loop_
_chem_comp_atom.comp_id 
_chem_comp_atom.atom_id 
_chem_comp_atom.type_symbol 
_chem_comp_atom.pdbx_aromatic_flag 
_chem_comp_atom.pdbx_stereo_config 
_chem_comp_atom.pdbx_ordinal 
ALA N    N N N 1   
ALA CA   C N S 2   
ALA C    C N N 3   
ALA O    O N N 4   
ALA CB   C N N 5   
ALA OXT  O N N 6   
ALA H    H N N 7   
ALA H2   H N N 8   
ALA HA   H N N 9   
ALA HB1  H N N 10  
ALA HB2  H N N 11  
ALA HB3  H N N 12  
ALA HXT  H N N 13  
ARG N    N N N 14  
ARG CA   C N S 15  
ARG C    C N N 16  
ARG O    O N N 17  
ARG CB   C N N 18  
ARG CG   C N N 19  
ARG CD   C N N 20  
ARG NE   N N N 21  
ARG CZ   C N N 22  
ARG NH1  N N N 23  
ARG NH2  N N N 24  
ARG OXT  O N N 25  
ARG H    H N N 26  
ARG H2   H N N 27  
ARG HA   H N N 28  
ARG HB2  H N N 29  
ARG HB3  H N N 30  
ARG HG2  H N N 31  
ARG HG3  H N N 32  
ARG HD2  H N N 33  
ARG HD3  H N N 34  
ARG HE   H N N 35  
ARG HH11 H N N 36  
ARG HH12 H N N 37  
ARG HH21 H N N 38  
ARG HH22 H N N 39  
ARG HXT  H N N 40  
ASN N    N N N 41  
ASN CA   C N S 42  
ASN C    C N N 43  
ASN O    O N N 44  
ASN CB   C N N 45  
ASN CG   C N N 46  
ASN OD1  O N N 47  
ASN ND2  N N N 48  
ASN OXT  O N N 49  
ASN H    H N N 50  
ASN H2   H N N 51  
ASN HA   H N N 52  
ASN HB2  H N N 53  
ASN HB3  H N N 54  
ASN HD21 H N N 55  
ASN HD22 H N N 56  
ASN HXT  H N N 57  
ASP N    N N N 58  
ASP CA   C N S 59  
ASP C    C N N 60  
ASP O    O N N 61  
ASP CB   C N N 62  
ASP CG   C N N 63  
ASP OD1  O N N 64  
ASP OD2  O N N 65  
ASP OXT  O N N 66  
ASP H    H N N 67  
ASP H2   H N N 68  
ASP HA   H N N 69  
ASP HB2  H N N 70  
ASP HB3  H N N 71  
ASP HD2  H N N 72  
ASP HXT  H N N 73  
CYS N    N N N 74  
CYS CA   C N R 75  
CYS C    C N N 76  
CYS O    O N N 77  
CYS CB   C N N 78  
CYS SG   S N N 79  
CYS OXT  O N N 80  
CYS H    H N N 81  
CYS H2   H N N 82  
CYS HA   H N N 83  
CYS HB2  H N N 84  
CYS HB3  H N N 85  
CYS HG   H N N 86  
CYS HXT  H N N 87  
GLN N    N N N 88  
GLN CA   C N S 89  
GLN C    C N N 90  
GLN O    O N N 91  
GLN CB   C N N 92  
GLN CG   C N N 93  
GLN CD   C N N 94  
GLN OE1  O N N 95  
GLN NE2  N N N 96  
GLN OXT  O N N 97  
GLN H    H N N 98  
GLN H2   H N N 99  
GLN HA   H N N 100 
GLN HB2  H N N 101 
GLN HB3  H N N 102 
GLN HG2  H N N 103 
GLN HG3  H N N 104 
GLN HE21 H N N 105 
GLN HE22 H N N 106 
GLN HXT  H N N 107 
GLU N    N N N 108 
GLU CA   C N S 109 
GLU C    C N N 110 
GLU O    O N N 111 
GLU CB   C N N 112 
GLU CG   C N N 113 
GLU CD   C N N 114 
GLU OE1  O N N 115 
GLU OE2  O N N 116 
GLU OXT  O N N 117 
GLU H    H N N 118 
GLU H2   H N N 119 
GLU HA   H N N 120 
GLU HB2  H N N 121 
GLU HB3  H N N 122 
GLU HG2  H N N 123 
GLU HG3  H N N 124 
GLU HE2  H N N 125 
GLU HXT  H N N 126 
GLY N    N N N 127 
GLY CA   C N N 128 
GLY C    C N N 129 
GLY O    O N N 130 
GLY OXT  O N N 131 
GLY H    H N N 132 
GLY H2   H N N 133 
GLY HA2  H N N 134 
GLY HA3  H N N 135 
GLY HXT  H N N 136 
HIS N    N N N 137 
HIS CA   C N S 138 
HIS C    C N N 139 
HIS O    O N N 140 
HIS CB   C N N 141 
HIS CG   C Y N 142 
HIS ND1  N Y N 143 
HIS CD2  C Y N 144 
HIS CE1  C Y N 145 
HIS NE2  N Y N 146 
HIS OXT  O N N 147 
HIS H    H N N 148 
HIS H2   H N N 149 
HIS HA   H N N 150 
HIS HB2  H N N 151 
HIS HB3  H N N 152 
HIS HD1  H N N 153 
HIS HD2  H N N 154 
HIS HE1  H N N 155 
HIS HE2  H N N 156 
HIS HXT  H N N 157 
HOH O    O N N 158 
HOH H1   H N N 159 
HOH H2   H N N 160 
LEU N    N N N 161 
LEU CA   C N S 162 
LEU C    C N N 163 
LEU O    O N N 164 
LEU CB   C N N 165 
LEU CG   C N N 166 
LEU CD1  C N N 167 
LEU CD2  C N N 168 
LEU OXT  O N N 169 
LEU H    H N N 170 
LEU H2   H N N 171 
LEU HA   H N N 172 
LEU HB2  H N N 173 
LEU HB3  H N N 174 
LEU HG   H N N 175 
LEU HD11 H N N 176 
LEU HD12 H N N 177 
LEU HD13 H N N 178 
LEU HD21 H N N 179 
LEU HD22 H N N 180 
LEU HD23 H N N 181 
LEU HXT  H N N 182 
LYS N    N N N 183 
LYS CA   C N S 184 
LYS C    C N N 185 
LYS O    O N N 186 
LYS CB   C N N 187 
LYS CG   C N N 188 
LYS CD   C N N 189 
LYS CE   C N N 190 
LYS NZ   N N N 191 
LYS OXT  O N N 192 
LYS H    H N N 193 
LYS H2   H N N 194 
LYS HA   H N N 195 
LYS HB2  H N N 196 
LYS HB3  H N N 197 
LYS HG2  H N N 198 
LYS HG3  H N N 199 
LYS HD2  H N N 200 
LYS HD3  H N N 201 
LYS HE2  H N N 202 
LYS HE3  H N N 203 
LYS HZ1  H N N 204 
LYS HZ2  H N N 205 
LYS HZ3  H N N 206 
LYS HXT  H N N 207 
MET N    N N N 208 
MET CA   C N S 209 
MET C    C N N 210 
MET O    O N N 211 
MET CB   C N N 212 
MET CG   C N N 213 
MET SD   S N N 214 
MET CE   C N N 215 
MET OXT  O N N 216 
MET H    H N N 217 
MET H2   H N N 218 
MET HA   H N N 219 
MET HB2  H N N 220 
MET HB3  H N N 221 
MET HG2  H N N 222 
MET HG3  H N N 223 
MET HE1  H N N 224 
MET HE2  H N N 225 
MET HE3  H N N 226 
MET HXT  H N N 227 
PHE N    N N N 228 
PHE CA   C N S 229 
PHE C    C N N 230 
PHE O    O N N 231 
PHE CB   C N N 232 
PHE CG   C Y N 233 
PHE CD1  C Y N 234 
PHE CD2  C Y N 235 
PHE CE1  C Y N 236 
PHE CE2  C Y N 237 
PHE CZ   C Y N 238 
PHE OXT  O N N 239 
PHE H    H N N 240 
PHE H2   H N N 241 
PHE HA   H N N 242 
PHE HB2  H N N 243 
PHE HB3  H N N 244 
PHE HD1  H N N 245 
PHE HD2  H N N 246 
PHE HE1  H N N 247 
PHE HE2  H N N 248 
PHE HZ   H N N 249 
PHE HXT  H N N 250 
PRO N    N N N 251 
PRO CA   C N S 252 
PRO C    C N N 253 
PRO O    O N N 254 
PRO CB   C N N 255 
PRO CG   C N N 256 
PRO CD   C N N 257 
PRO OXT  O N N 258 
PRO H    H N N 259 
PRO HA   H N N 260 
PRO HB2  H N N 261 
PRO HB3  H N N 262 
PRO HG2  H N N 263 
PRO HG3  H N N 264 
PRO HD2  H N N 265 
PRO HD3  H N N 266 
PRO HXT  H N N 267 
SER N    N N N 268 
SER CA   C N S 269 
SER C    C N N 270 
SER O    O N N 271 
SER CB   C N N 272 
SER OG   O N N 273 
SER OXT  O N N 274 
SER H    H N N 275 
SER H2   H N N 276 
SER HA   H N N 277 
SER HB2  H N N 278 
SER HB3  H N N 279 
SER HG   H N N 280 
SER HXT  H N N 281 
THR N    N N N 282 
THR CA   C N S 283 
THR C    C N N 284 
THR O    O N N 285 
THR CB   C N R 286 
THR OG1  O N N 287 
THR CG2  C N N 288 
THR OXT  O N N 289 
THR H    H N N 290 
THR H2   H N N 291 
THR HA   H N N 292 
THR HB   H N N 293 
THR HG1  H N N 294 
THR HG21 H N N 295 
THR HG22 H N N 296 
THR HG23 H N N 297 
THR HXT  H N N 298 
TRP N    N N N 299 
TRP CA   C N S 300 
TRP C    C N N 301 
TRP O    O N N 302 
TRP CB   C N N 303 
TRP CG   C Y N 304 
TRP CD1  C Y N 305 
TRP CD2  C Y N 306 
TRP NE1  N Y N 307 
TRP CE2  C Y N 308 
TRP CE3  C Y N 309 
TRP CZ2  C Y N 310 
TRP CZ3  C Y N 311 
TRP CH2  C Y N 312 
TRP OXT  O N N 313 
TRP H    H N N 314 
TRP H2   H N N 315 
TRP HA   H N N 316 
TRP HB2  H N N 317 
TRP HB3  H N N 318 
TRP HD1  H N N 319 
TRP HE1  H N N 320 
TRP HE3  H N N 321 
TRP HZ2  H N N 322 
TRP HZ3  H N N 323 
TRP HH2  H N N 324 
TRP HXT  H N N 325 
VAL N    N N N 326 
VAL CA   C N S 327 
VAL C    C N N 328 
VAL O    O N N 329 
VAL CB   C N N 330 
VAL CG1  C N N 331 
VAL CG2  C N N 332 
VAL OXT  O N N 333 
VAL H    H N N 334 
VAL H2   H N N 335 
VAL HA   H N N 336 
VAL HB   H N N 337 
VAL HG11 H N N 338 
VAL HG12 H N N 339 
VAL HG13 H N N 340 
VAL HG21 H N N 341 
VAL HG22 H N N 342 
VAL HG23 H N N 343 
VAL HXT  H N N 344 
# 
loop_
_chem_comp_bond.comp_id 
_chem_comp_bond.atom_id_1 
_chem_comp_bond.atom_id_2 
_chem_comp_bond.value_order 
_chem_comp_bond.pdbx_aromatic_flag 
_chem_comp_bond.pdbx_stereo_config 
_chem_comp_bond.pdbx_ordinal 
ALA N   CA   sing N N 1   
ALA N   H    sing N N 2   
ALA N   H2   sing N N 3   
ALA CA  C    sing N N 4   
ALA CA  CB   sing N N 5   
ALA CA  HA   sing N N 6   
ALA C   O    doub N N 7   
ALA C   OXT  sing N N 8   
ALA CB  HB1  sing N N 9   
ALA CB  HB2  sing N N 10  
ALA CB  HB3  sing N N 11  
ALA OXT HXT  sing N N 12  
ARG N   CA   sing N N 13  
ARG N   H    sing N N 14  
ARG N   H2   sing N N 15  
ARG CA  C    sing N N 16  
ARG CA  CB   sing N N 17  
ARG CA  HA   sing N N 18  
ARG C   O    doub N N 19  
ARG C   OXT  sing N N 20  
ARG CB  CG   sing N N 21  
ARG CB  HB2  sing N N 22  
ARG CB  HB3  sing N N 23  
ARG CG  CD   sing N N 24  
ARG CG  HG2  sing N N 25  
ARG CG  HG3  sing N N 26  
ARG CD  NE   sing N N 27  
ARG CD  HD2  sing N N 28  
ARG CD  HD3  sing N N 29  
ARG NE  CZ   sing N N 30  
ARG NE  HE   sing N N 31  
ARG CZ  NH1  sing N N 32  
ARG CZ  NH2  doub N N 33  
ARG NH1 HH11 sing N N 34  
ARG NH1 HH12 sing N N 35  
ARG NH2 HH21 sing N N 36  
ARG NH2 HH22 sing N N 37  
ARG OXT HXT  sing N N 38  
ASN N   CA   sing N N 39  
ASN N   H    sing N N 40  
ASN N   H2   sing N N 41  
ASN CA  C    sing N N 42  
ASN CA  CB   sing N N 43  
ASN CA  HA   sing N N 44  
ASN C   O    doub N N 45  
ASN C   OXT  sing N N 46  
ASN CB  CG   sing N N 47  
ASN CB  HB2  sing N N 48  
ASN CB  HB3  sing N N 49  
ASN CG  OD1  doub N N 50  
ASN CG  ND2  sing N N 51  
ASN ND2 HD21 sing N N 52  
ASN ND2 HD22 sing N N 53  
ASN OXT HXT  sing N N 54  
ASP N   CA   sing N N 55  
ASP N   H    sing N N 56  
ASP N   H2   sing N N 57  
ASP CA  C    sing N N 58  
ASP CA  CB   sing N N 59  
ASP CA  HA   sing N N 60  
ASP C   O    doub N N 61  
ASP C   OXT  sing N N 62  
ASP CB  CG   sing N N 63  
ASP CB  HB2  sing N N 64  
ASP CB  HB3  sing N N 65  
ASP CG  OD1  doub N N 66  
ASP CG  OD2  sing N N 67  
ASP OD2 HD2  sing N N 68  
ASP OXT HXT  sing N N 69  
CYS N   CA   sing N N 70  
CYS N   H    sing N N 71  
CYS N   H2   sing N N 72  
CYS CA  C    sing N N 73  
CYS CA  CB   sing N N 74  
CYS CA  HA   sing N N 75  
CYS C   O    doub N N 76  
CYS C   OXT  sing N N 77  
CYS CB  SG   sing N N 78  
CYS CB  HB2  sing N N 79  
CYS CB  HB3  sing N N 80  
CYS SG  HG   sing N N 81  
CYS OXT HXT  sing N N 82  
GLN N   CA   sing N N 83  
GLN N   H    sing N N 84  
GLN N   H2   sing N N 85  
GLN CA  C    sing N N 86  
GLN CA  CB   sing N N 87  
GLN CA  HA   sing N N 88  
GLN C   O    doub N N 89  
GLN C   OXT  sing N N 90  
GLN CB  CG   sing N N 91  
GLN CB  HB2  sing N N 92  
GLN CB  HB3  sing N N 93  
GLN CG  CD   sing N N 94  
GLN CG  HG2  sing N N 95  
GLN CG  HG3  sing N N 96  
GLN CD  OE1  doub N N 97  
GLN CD  NE2  sing N N 98  
GLN NE2 HE21 sing N N 99  
GLN NE2 HE22 sing N N 100 
GLN OXT HXT  sing N N 101 
GLU N   CA   sing N N 102 
GLU N   H    sing N N 103 
GLU N   H2   sing N N 104 
GLU CA  C    sing N N 105 
GLU CA  CB   sing N N 106 
GLU CA  HA   sing N N 107 
GLU C   O    doub N N 108 
GLU C   OXT  sing N N 109 
GLU CB  CG   sing N N 110 
GLU CB  HB2  sing N N 111 
GLU CB  HB3  sing N N 112 
GLU CG  CD   sing N N 113 
GLU CG  HG2  sing N N 114 
GLU CG  HG3  sing N N 115 
GLU CD  OE1  doub N N 116 
GLU CD  OE2  sing N N 117 
GLU OE2 HE2  sing N N 118 
GLU OXT HXT  sing N N 119 
GLY N   CA   sing N N 120 
GLY N   H    sing N N 121 
GLY N   H2   sing N N 122 
GLY CA  C    sing N N 123 
GLY CA  HA2  sing N N 124 
GLY CA  HA3  sing N N 125 
GLY C   O    doub N N 126 
GLY C   OXT  sing N N 127 
GLY OXT HXT  sing N N 128 
HIS N   CA   sing N N 129 
HIS N   H    sing N N 130 
HIS N   H2   sing N N 131 
HIS CA  C    sing N N 132 
HIS CA  CB   sing N N 133 
HIS CA  HA   sing N N 134 
HIS C   O    doub N N 135 
HIS C   OXT  sing N N 136 
HIS CB  CG   sing N N 137 
HIS CB  HB2  sing N N 138 
HIS CB  HB3  sing N N 139 
HIS CG  ND1  sing Y N 140 
HIS CG  CD2  doub Y N 141 
HIS ND1 CE1  doub Y N 142 
HIS ND1 HD1  sing N N 143 
HIS CD2 NE2  sing Y N 144 
HIS CD2 HD2  sing N N 145 
HIS CE1 NE2  sing Y N 146 
HIS CE1 HE1  sing N N 147 
HIS NE2 HE2  sing N N 148 
HIS OXT HXT  sing N N 149 
HOH O   H1   sing N N 150 
HOH O   H2   sing N N 151 
LEU N   CA   sing N N 152 
LEU N   H    sing N N 153 
LEU N   H2   sing N N 154 
LEU CA  C    sing N N 155 
LEU CA  CB   sing N N 156 
LEU CA  HA   sing N N 157 
LEU C   O    doub N N 158 
LEU C   OXT  sing N N 159 
LEU CB  CG   sing N N 160 
LEU CB  HB2  sing N N 161 
LEU CB  HB3  sing N N 162 
LEU CG  CD1  sing N N 163 
LEU CG  CD2  sing N N 164 
LEU CG  HG   sing N N 165 
LEU CD1 HD11 sing N N 166 
LEU CD1 HD12 sing N N 167 
LEU CD1 HD13 sing N N 168 
LEU CD2 HD21 sing N N 169 
LEU CD2 HD22 sing N N 170 
LEU CD2 HD23 sing N N 171 
LEU OXT HXT  sing N N 172 
LYS N   CA   sing N N 173 
LYS N   H    sing N N 174 
LYS N   H2   sing N N 175 
LYS CA  C    sing N N 176 
LYS CA  CB   sing N N 177 
LYS CA  HA   sing N N 178 
LYS C   O    doub N N 179 
LYS C   OXT  sing N N 180 
LYS CB  CG   sing N N 181 
LYS CB  HB2  sing N N 182 
LYS CB  HB3  sing N N 183 
LYS CG  CD   sing N N 184 
LYS CG  HG2  sing N N 185 
LYS CG  HG3  sing N N 186 
LYS CD  CE   sing N N 187 
LYS CD  HD2  sing N N 188 
LYS CD  HD3  sing N N 189 
LYS CE  NZ   sing N N 190 
LYS CE  HE2  sing N N 191 
LYS CE  HE3  sing N N 192 
LYS NZ  HZ1  sing N N 193 
LYS NZ  HZ2  sing N N 194 
LYS NZ  HZ3  sing N N 195 
LYS OXT HXT  sing N N 196 
MET N   CA   sing N N 197 
MET N   H    sing N N 198 
MET N   H2   sing N N 199 
MET CA  C    sing N N 200 
MET CA  CB   sing N N 201 
MET CA  HA   sing N N 202 
MET C   O    doub N N 203 
MET C   OXT  sing N N 204 
MET CB  CG   sing N N 205 
MET CB  HB2  sing N N 206 
MET CB  HB3  sing N N 207 
MET CG  SD   sing N N 208 
MET CG  HG2  sing N N 209 
MET CG  HG3  sing N N 210 
MET SD  CE   sing N N 211 
MET CE  HE1  sing N N 212 
MET CE  HE2  sing N N 213 
MET CE  HE3  sing N N 214 
MET OXT HXT  sing N N 215 
PHE N   CA   sing N N 216 
PHE N   H    sing N N 217 
PHE N   H2   sing N N 218 
PHE CA  C    sing N N 219 
PHE CA  CB   sing N N 220 
PHE CA  HA   sing N N 221 
PHE C   O    doub N N 222 
PHE C   OXT  sing N N 223 
PHE CB  CG   sing N N 224 
PHE CB  HB2  sing N N 225 
PHE CB  HB3  sing N N 226 
PHE CG  CD1  doub Y N 227 
PHE CG  CD2  sing Y N 228 
PHE CD1 CE1  sing Y N 229 
PHE CD1 HD1  sing N N 230 
PHE CD2 CE2  doub Y N 231 
PHE CD2 HD2  sing N N 232 
PHE CE1 CZ   doub Y N 233 
PHE CE1 HE1  sing N N 234 
PHE CE2 CZ   sing Y N 235 
PHE CE2 HE2  sing N N 236 
PHE CZ  HZ   sing N N 237 
PHE OXT HXT  sing N N 238 
PRO N   CA   sing N N 239 
PRO N   CD   sing N N 240 
PRO N   H    sing N N 241 
PRO CA  C    sing N N 242 
PRO CA  CB   sing N N 243 
PRO CA  HA   sing N N 244 
PRO C   O    doub N N 245 
PRO C   OXT  sing N N 246 
PRO CB  CG   sing N N 247 
PRO CB  HB2  sing N N 248 
PRO CB  HB3  sing N N 249 
PRO CG  CD   sing N N 250 
PRO CG  HG2  sing N N 251 
PRO CG  HG3  sing N N 252 
PRO CD  HD2  sing N N 253 
PRO CD  HD3  sing N N 254 
PRO OXT HXT  sing N N 255 
SER N   CA   sing N N 256 
SER N   H    sing N N 257 
SER N   H2   sing N N 258 
SER CA  C    sing N N 259 
SER CA  CB   sing N N 260 
SER CA  HA   sing N N 261 
SER C   O    doub N N 262 
SER C   OXT  sing N N 263 
SER CB  OG   sing N N 264 
SER CB  HB2  sing N N 265 
SER CB  HB3  sing N N 266 
SER OG  HG   sing N N 267 
SER OXT HXT  sing N N 268 
THR N   CA   sing N N 269 
THR N   H    sing N N 270 
THR N   H2   sing N N 271 
THR CA  C    sing N N 272 
THR CA  CB   sing N N 273 
THR CA  HA   sing N N 274 
THR C   O    doub N N 275 
THR C   OXT  sing N N 276 
THR CB  OG1  sing N N 277 
THR CB  CG2  sing N N 278 
THR CB  HB   sing N N 279 
THR OG1 HG1  sing N N 280 
THR CG2 HG21 sing N N 281 
THR CG2 HG22 sing N N 282 
THR CG2 HG23 sing N N 283 
THR OXT HXT  sing N N 284 
TRP N   CA   sing N N 285 
TRP N   H    sing N N 286 
TRP N   H2   sing N N 287 
TRP CA  C    sing N N 288 
TRP CA  CB   sing N N 289 
TRP CA  HA   sing N N 290 
TRP C   O    doub N N 291 
TRP C   OXT  sing N N 292 
TRP CB  CG   sing N N 293 
TRP CB  HB2  sing N N 294 
TRP CB  HB3  sing N N 295 
TRP CG  CD1  doub Y N 296 
TRP CG  CD2  sing Y N 297 
TRP CD1 NE1  sing Y N 298 
TRP CD1 HD1  sing N N 299 
TRP CD2 CE2  doub Y N 300 
TRP CD2 CE3  sing Y N 301 
TRP NE1 CE2  sing Y N 302 
TRP NE1 HE1  sing N N 303 
TRP CE2 CZ2  sing Y N 304 
TRP CE3 CZ3  doub Y N 305 
TRP CE3 HE3  sing N N 306 
TRP CZ2 CH2  doub Y N 307 
TRP CZ2 HZ2  sing N N 308 
TRP CZ3 CH2  sing Y N 309 
TRP CZ3 HZ3  sing N N 310 
TRP CH2 HH2  sing N N 311 
TRP OXT HXT  sing N N 312 
VAL N   CA   sing N N 313 
VAL N   H    sing N N 314 
VAL N   H2   sing N N 315 
VAL CA  C    sing N N 316 
VAL CA  CB   sing N N 317 
VAL CA  HA   sing N N 318 
VAL C   O    doub N N 319 
VAL C   OXT  sing N N 320 
VAL CB  CG1  sing N N 321 
VAL CB  CG2  sing N N 322 
VAL CB  HB   sing N N 323 
VAL CG1 HG11 sing N N 324 
VAL CG1 HG12 sing N N 325 
VAL CG1 HG13 sing N N 326 
VAL CG2 HG21 sing N N 327 
VAL CG2 HG22 sing N N 328 
VAL CG2 HG23 sing N N 329 
VAL OXT HXT  sing N N 330 
# 
_pdbx_entity_nonpoly.entity_id   2 
_pdbx_entity_nonpoly.name        water 
_pdbx_entity_nonpoly.comp_id     HOH 
# 
loop_
_pdbx_initial_refinement_model.id 
_pdbx_initial_refinement_model.entity_id_list 
_pdbx_initial_refinement_model.type 
_pdbx_initial_refinement_model.source_name 
_pdbx_initial_refinement_model.accession_code 
_pdbx_initial_refinement_model.details 
1 ? 'experimental model' PDB 2CR6 '2CR6, 2YZ8, 2E7B, 2RQ8' 
2 ? 'experimental model' PDB 2YZ8 '2CR6, 2YZ8, 2E7B, 2RQ8' 
3 ? 'experimental model' PDB 2E7B '2CR6, 2YZ8, 2E7B, 2RQ8' 
4 ? 'experimental model' PDB 2RQ8 '2CR6, 2YZ8, 2E7B, 2RQ8' 
# 
